data_5B8I
#
_entry.id   5B8I
#
_cell.length_a   94.670
_cell.length_b   154.630
_cell.length_c   64.750
_cell.angle_alpha   90.00
_cell.angle_beta   90.00
_cell.angle_gamma   90.00
#
_symmetry.space_group_name_H-M   'P 21 21 2'
#
loop_
_entity.id
_entity.type
_entity.pdbx_description
1 polymer 'Serine/threonine-protein phosphatase'
2 polymer 'Calcineurin subunit B, variant'
3 polymer 'Peptidylprolyl isomerase'
4 non-polymer 'ZINC ION'
5 non-polymer 'FE (III) ION'
6 non-polymer '2-(N-MORPHOLINO)-ETHANESULFONIC ACID'
7 non-polymer 1,2-ETHANEDIOL
8 non-polymer 'CALCIUM ION'
9 non-polymer 8-DEETHYL-8-[BUT-3-ENYL]-ASCOMYCIN
10 water water
#
loop_
_entity_poly.entity_id
_entity_poly.type
_entity_poly.pdbx_seq_one_letter_code
_entity_poly.pdbx_strand_id
1 'polypeptide(L)'
;MGSSHHHHHHSSGENLYFQGSEDGTQVSTLERVCKEVQAPAFHTPTNEQFWSPVDPSKPNLAFLKQHFYREGRLTEDQAL
WIIQAGTELLRAEPNLLEMDAPITVCGDVHGQYYDLMKLFEVGGDPAETRYLFLGDYVDRGYFSIECVLYLWALKIWYPN
TLWLLRGNHECRHLTDYFTFKLECKHKYSEKVYDACMESFCALPLAAIMNKQFLCIHGGLSPELHTLEDIKSIDRFREPP
THGLMCDILWADPLEDFGTEKTGEYFVHNNVRGCSFFFSYPAACAFLEKNNLLSIIRAHEAQDAGYRMYQKTRTTGFPSV
MTIFSAPNYLDVYNNKAAVLKYENNVMNIRQFNCTPHPYWLPNFMDVFTWSLPFVGEKITDMLIAILNTC
;
A
2 'polypeptide(L)'
;MSSQVLNDIVSGSNFDHEEVDRLWKRFMKLDRDKSGTIERDEFLSLPQVSSNPLSTRMIAIFDEDGGGDVDFQEFVSGLS
AFSSKGNKEEKLRFAFKVYDIDRDGFISNGELFIVLKMMVGSNLKDMQLQQIVDKTIMEADLDGDGRISFEEFTRMVENT
DVSMSMTLDQF
;
B
3 'polypeptide(L)'
;MWSHPQFEKGSGVTKKILKEGNGVDKPVKGDDIVMNYRGCLYDSSKPSEHFMGRKFDSTEERGEFKTKIGIGVVIRGWDE
AVLQMSLGEKSILTITDDYAYGARGFPGLIPPHATLVFEVELKGINSKRA
;
C
#
loop_
_chem_comp.id
_chem_comp.type
_chem_comp.name
_chem_comp.formula
CA non-polymer 'CALCIUM ION' 'Ca 2'
EDO non-polymer 1,2-ETHANEDIOL 'C2 H6 O2'
FE non-polymer 'FE (III) ION' 'Fe 3'
FK5 non-polymer 8-DEETHYL-8-[BUT-3-ENYL]-ASCOMYCIN 'C44 H69 N O12'
MES non-polymer '2-(N-MORPHOLINO)-ETHANESULFONIC ACID' 'C6 H13 N O4 S'
ZN non-polymer 'ZINC ION' 'Zn 2'
#
# COMPACT_ATOMS: atom_id res chain seq x y z
N LEU A 30 -3.85 19.12 19.48
CA LEU A 30 -4.87 18.38 20.23
C LEU A 30 -4.29 17.04 20.71
N GLU A 31 -5.11 16.29 21.48
CA GLU A 31 -4.81 14.91 21.84
C GLU A 31 -5.19 13.99 20.65
N ARG A 32 -6.30 14.31 19.99
CA ARG A 32 -6.74 13.61 18.78
CA ARG A 32 -6.73 13.62 18.77
C ARG A 32 -7.65 14.54 17.99
N VAL A 33 -7.54 14.54 16.66
CA VAL A 33 -8.37 15.48 15.91
C VAL A 33 -9.66 14.82 15.40
N CYS A 34 -9.58 13.58 14.92
CA CYS A 34 -10.74 12.86 14.39
C CYS A 34 -11.21 11.75 15.33
N LYS A 35 -12.07 12.12 16.29
CA LYS A 35 -12.53 11.19 17.34
C LYS A 35 -13.45 10.07 16.80
N GLU A 36 -14.07 10.33 15.64
CA GLU A 36 -15.02 9.39 15.02
C GLU A 36 -14.31 8.30 14.23
N VAL A 37 -13.00 8.46 14.05
CA VAL A 37 -12.20 7.45 13.38
C VAL A 37 -11.72 6.52 14.44
N GLN A 38 -12.05 5.24 14.28
CA GLN A 38 -11.59 4.20 15.20
C GLN A 38 -10.06 4.03 15.11
N ALA A 39 -9.40 4.10 16.27
CA ALA A 39 -7.96 3.84 16.38
C ALA A 39 -7.66 2.35 16.24
N PRO A 40 -6.45 2.02 15.77
CA PRO A 40 -6.09 0.60 15.64
C PRO A 40 -5.81 0.01 17.00
N ALA A 41 -5.70 -1.32 17.10
CA ALA A 41 -5.23 -1.98 18.32
C ALA A 41 -3.71 -1.77 18.43
N PHE A 42 -3.29 -0.91 19.35
CA PHE A 42 -1.89 -0.48 19.37
C PHE A 42 -0.89 -1.53 19.99
N HIS A 43 -1.41 -2.54 20.72
CA HIS A 43 -0.56 -3.49 21.43
C HIS A 43 -0.77 -4.90 20.93
N THR A 44 0.24 -5.77 21.10
CA THR A 44 0.08 -7.17 20.71
C THR A 44 -0.78 -7.83 21.82
N PRO A 45 -1.49 -8.92 21.48
CA PRO A 45 -2.30 -9.66 22.46
C PRO A 45 -1.37 -10.24 23.52
N THR A 46 -1.76 -10.29 24.76
CA THR A 46 -1.03 -11.11 25.73
C THR A 46 -1.26 -12.57 25.36
N ASN A 47 -0.42 -13.49 25.86
CA ASN A 47 -0.67 -14.91 25.54
C ASN A 47 -1.99 -15.36 26.14
N GLU A 48 -2.34 -14.79 27.30
CA GLU A 48 -3.64 -15.08 27.88
C GLU A 48 -4.78 -14.71 26.93
N GLN A 49 -4.73 -13.54 26.28
CA GLN A 49 -5.73 -13.15 25.27
C GLN A 49 -5.71 -14.02 24.02
N PHE A 50 -4.50 -14.37 23.59
CA PHE A 50 -4.29 -15.07 22.31
C PHE A 50 -4.94 -16.45 22.28
N TRP A 51 -4.83 -17.20 23.36
CA TRP A 51 -5.26 -18.61 23.35
C TRP A 51 -6.73 -18.75 23.73
N SER A 52 -7.40 -19.68 23.07
CA SER A 52 -8.83 -19.84 23.32
C SER A 52 -9.14 -20.36 24.73
N PRO A 53 -10.16 -19.74 25.41
CA PRO A 53 -10.60 -20.30 26.70
C PRO A 53 -11.38 -21.61 26.54
N VAL A 54 -11.87 -21.93 25.35
CA VAL A 54 -12.70 -23.10 25.12
C VAL A 54 -11.80 -24.32 24.91
N ASP A 55 -10.82 -24.13 24.02
CA ASP A 55 -9.79 -25.13 23.76
C ASP A 55 -8.41 -24.47 23.80
N PRO A 56 -7.71 -24.61 24.95
CA PRO A 56 -6.43 -23.90 25.12
C PRO A 56 -5.30 -24.39 24.23
N SER A 57 -5.52 -25.41 23.39
CA SER A 57 -4.49 -25.73 22.39
C SER A 57 -4.66 -24.95 21.08
N LYS A 58 -5.68 -24.08 20.99
CA LYS A 58 -5.95 -23.34 19.75
CA LYS A 58 -5.96 -23.33 19.75
C LYS A 58 -6.13 -21.85 20.06
N PRO A 59 -5.90 -20.99 19.05
CA PRO A 59 -6.07 -19.54 19.27
C PRO A 59 -7.52 -19.15 19.45
N ASN A 60 -7.73 -17.99 20.05
CA ASN A 60 -9.04 -17.47 20.26
C ASN A 60 -9.47 -16.82 18.93
N LEU A 61 -10.39 -17.47 18.22
CA LEU A 61 -10.73 -16.95 16.86
C LEU A 61 -11.44 -15.62 16.89
N ALA A 62 -12.41 -15.50 17.81
CA ALA A 62 -13.18 -14.26 17.87
C ALA A 62 -12.25 -13.10 18.17
N PHE A 63 -11.34 -13.35 19.10
CA PHE A 63 -10.33 -12.34 19.45
C PHE A 63 -9.45 -11.96 18.25
N LEU A 64 -8.95 -12.96 17.52
CA LEU A 64 -8.08 -12.70 16.39
C LEU A 64 -8.81 -11.93 15.31
N LYS A 65 -10.06 -12.33 15.09
CA LYS A 65 -10.85 -11.75 13.99
C LYS A 65 -10.98 -10.24 14.24
N GLN A 66 -11.33 -9.85 15.49
CA GLN A 66 -11.53 -8.41 15.76
C GLN A 66 -10.17 -7.70 15.89
N HIS A 67 -9.17 -8.43 16.38
CA HIS A 67 -7.84 -7.80 16.51
C HIS A 67 -7.30 -7.36 15.13
N PHE A 68 -7.39 -8.26 14.16
CA PHE A 68 -6.92 -7.93 12.81
C PHE A 68 -7.83 -6.88 12.17
N TYR A 69 -9.15 -6.95 12.47
CA TYR A 69 -10.06 -5.94 11.94
C TYR A 69 -9.60 -4.51 12.40
N ARG A 70 -9.18 -4.42 13.66
CA ARG A 70 -8.59 -3.19 14.22
C ARG A 70 -7.11 -2.94 13.87
N GLU A 71 -6.62 -3.61 12.83
CA GLU A 71 -5.23 -3.45 12.34
C GLU A 71 -4.19 -3.81 13.43
N GLY A 72 -4.56 -4.73 14.31
CA GLY A 72 -3.64 -5.18 15.36
C GLY A 72 -2.64 -6.21 14.82
N ARG A 73 -1.48 -6.26 15.46
CA ARG A 73 -0.42 -7.27 15.17
C ARG A 73 -0.35 -8.32 16.27
N LEU A 74 0.09 -9.51 15.90
CA LEU A 74 0.47 -10.55 16.89
C LEU A 74 1.93 -10.35 17.27
N THR A 75 2.39 -11.01 18.32
CA THR A 75 3.81 -11.11 18.53
C THR A 75 4.39 -12.02 17.46
N GLU A 76 5.71 -11.90 17.28
CA GLU A 76 6.31 -12.80 16.28
C GLU A 76 6.04 -14.28 16.63
N ASP A 77 6.18 -14.61 17.93
CA ASP A 77 5.98 -16.01 18.35
C ASP A 77 4.55 -16.49 18.13
N GLN A 78 3.59 -15.59 18.33
CA GLN A 78 2.19 -15.97 18.06
C GLN A 78 1.96 -16.23 16.58
N ALA A 79 2.45 -15.30 15.75
CA ALA A 79 2.33 -15.49 14.30
C ALA A 79 3.03 -16.77 13.81
N LEU A 80 4.24 -17.03 14.29
CA LEU A 80 4.96 -18.24 13.86
C LEU A 80 4.20 -19.47 14.31
N TRP A 81 3.59 -19.41 15.50
CA TRP A 81 2.91 -20.61 15.96
C TRP A 81 1.77 -20.95 14.98
N ILE A 82 0.98 -19.93 14.65
CA ILE A 82 -0.16 -20.18 13.73
C ILE A 82 0.33 -20.72 12.41
N ILE A 83 1.39 -20.09 11.88
CA ILE A 83 1.81 -20.48 10.54
C ILE A 83 2.32 -21.93 10.57
N GLN A 84 3.16 -22.21 11.54
CA GLN A 84 3.73 -23.56 11.68
C GLN A 84 2.68 -24.64 11.98
N ALA A 85 1.70 -24.34 12.84
CA ALA A 85 0.63 -25.31 13.12
C ALA A 85 -0.19 -25.58 11.85
N GLY A 86 -0.43 -24.54 11.05
CA GLY A 86 -1.09 -24.73 9.76
C GLY A 86 -0.25 -25.60 8.83
N THR A 87 1.04 -25.31 8.75
CA THR A 87 1.95 -26.14 7.93
C THR A 87 1.88 -27.64 8.30
N GLU A 88 1.86 -27.96 9.60
CA GLU A 88 1.78 -29.36 10.00
C GLU A 88 0.48 -30.04 9.49
N LEU A 89 -0.62 -29.31 9.51
CA LEU A 89 -1.87 -29.85 8.97
C LEU A 89 -1.82 -30.00 7.44
N LEU A 90 -1.40 -28.92 6.79
CA LEU A 90 -1.35 -28.91 5.31
C LEU A 90 -0.42 -29.98 4.76
N ARG A 91 0.75 -30.16 5.37
CA ARG A 91 1.70 -31.10 4.77
CA ARG A 91 1.73 -31.13 4.91
C ARG A 91 1.20 -32.56 4.92
N ALA A 92 0.25 -32.84 5.82
CA ALA A 92 -0.31 -34.19 5.95
C ALA A 92 -1.39 -34.47 4.91
N GLU A 93 -1.86 -33.42 4.26
CA GLU A 93 -2.93 -33.56 3.24
C GLU A 93 -2.37 -33.98 1.90
N PRO A 94 -3.19 -34.65 1.08
CA PRO A 94 -2.75 -35.11 -0.23
C PRO A 94 -2.69 -33.91 -1.23
N ASN A 95 -1.97 -34.10 -2.32
CA ASN A 95 -1.95 -33.07 -3.37
C ASN A 95 -3.36 -32.76 -3.86
N LEU A 96 -4.13 -33.83 -4.08
CA LEU A 96 -5.52 -33.76 -4.57
C LEU A 96 -6.49 -34.02 -3.40
N LEU A 97 -7.09 -32.96 -2.84
CA LEU A 97 -8.13 -33.15 -1.82
C LEU A 97 -9.39 -33.78 -2.40
N GLU A 98 -10.17 -34.49 -1.56
CA GLU A 98 -11.47 -35.00 -2.00
C GLU A 98 -12.49 -34.76 -0.91
N MET A 99 -13.49 -33.94 -1.17
CA MET A 99 -14.48 -33.67 -0.10
C MET A 99 -15.86 -33.49 -0.71
N ASP A 100 -16.89 -33.83 0.07
CA ASP A 100 -18.26 -33.70 -0.43
C ASP A 100 -18.84 -32.32 -0.24
N ALA A 101 -19.91 -32.07 -0.99
CA ALA A 101 -20.81 -30.97 -0.68
C ALA A 101 -21.58 -31.28 0.62
N PRO A 102 -22.26 -30.29 1.21
CA PRO A 102 -22.38 -28.87 0.82
C PRO A 102 -21.06 -28.17 1.06
N ILE A 103 -20.80 -27.09 0.33
CA ILE A 103 -19.54 -26.41 0.56
C ILE A 103 -19.63 -25.03 -0.10
N THR A 104 -18.90 -24.06 0.44
CA THR A 104 -18.77 -22.73 -0.15
C THR A 104 -17.38 -22.68 -0.82
N VAL A 105 -17.37 -22.39 -2.10
CA VAL A 105 -16.11 -22.34 -2.86
C VAL A 105 -15.75 -20.91 -3.13
N CYS A 106 -14.48 -20.55 -2.89
CA CYS A 106 -14.08 -19.16 -2.95
C CYS A 106 -12.86 -18.98 -3.84
N GLY A 107 -12.86 -17.88 -4.58
CA GLY A 107 -11.72 -17.53 -5.45
C GLY A 107 -10.81 -16.52 -4.77
N ASP A 108 -10.13 -15.71 -5.58
CA ASP A 108 -8.98 -14.93 -5.03
C ASP A 108 -9.40 -13.96 -3.94
N VAL A 109 -8.51 -13.73 -2.98
CA VAL A 109 -8.76 -12.82 -1.87
C VAL A 109 -7.76 -11.65 -1.90
N HIS A 110 -6.48 -11.93 -2.25
CA HIS A 110 -5.47 -10.90 -2.46
C HIS A 110 -5.42 -9.85 -1.33
N GLY A 111 -5.30 -10.37 -0.11
CA GLY A 111 -4.99 -9.51 1.00
C GLY A 111 -6.07 -8.52 1.41
N GLN A 112 -7.28 -8.71 0.88
CA GLN A 112 -8.36 -7.73 1.13
C GLN A 112 -9.13 -8.19 2.38
N TYR A 113 -8.51 -8.03 3.54
CA TYR A 113 -9.07 -8.63 4.75
C TYR A 113 -10.55 -8.16 5.02
N TYR A 114 -10.85 -6.89 4.72
CA TYR A 114 -12.14 -6.33 5.07
C TYR A 114 -13.21 -6.94 4.17
N ASP A 115 -12.82 -7.34 2.96
CA ASP A 115 -13.73 -8.10 2.11
C ASP A 115 -13.76 -9.57 2.49
N LEU A 116 -12.68 -10.10 3.01
CA LEU A 116 -12.73 -11.49 3.52
C LEU A 116 -13.76 -11.61 4.66
N MET A 117 -13.87 -10.55 5.46
CA MET A 117 -14.90 -10.58 6.54
C MET A 117 -16.28 -10.67 5.91
N LYS A 118 -16.50 -9.89 4.87
CA LYS A 118 -17.83 -9.93 4.21
C LYS A 118 -18.05 -11.28 3.54
N LEU A 119 -16.97 -11.83 2.94
CA LEU A 119 -17.05 -13.18 2.33
C LEU A 119 -17.62 -14.20 3.34
N PHE A 120 -17.05 -14.25 4.55
CA PHE A 120 -17.61 -15.18 5.56
C PHE A 120 -19.03 -14.83 5.97
N GLU A 121 -19.39 -13.53 6.03
CA GLU A 121 -20.78 -13.16 6.36
CA GLU A 121 -20.78 -13.18 6.36
C GLU A 121 -21.74 -13.75 5.33
N VAL A 122 -21.38 -13.69 4.06
CA VAL A 122 -22.32 -14.14 3.05
C VAL A 122 -22.16 -15.63 2.71
N GLY A 123 -20.99 -16.21 2.99
CA GLY A 123 -20.73 -17.59 2.59
C GLY A 123 -21.10 -18.57 3.70
N GLY A 124 -21.26 -18.04 4.93
CA GLY A 124 -21.62 -18.90 6.07
C GLY A 124 -20.52 -18.93 7.13
N ASP A 125 -20.93 -18.98 8.41
CA ASP A 125 -19.90 -19.09 9.49
C ASP A 125 -19.14 -20.41 9.38
N PRO A 126 -17.79 -20.37 9.35
CA PRO A 126 -17.04 -21.64 9.19
C PRO A 126 -17.21 -22.58 10.38
N ALA A 127 -17.78 -22.11 11.49
CA ALA A 127 -18.15 -23.02 12.57
C ALA A 127 -19.18 -24.02 12.12
N GLU A 128 -19.96 -23.69 11.08
CA GLU A 128 -21.05 -24.58 10.65
C GLU A 128 -21.13 -24.69 9.14
N THR A 129 -20.04 -24.30 8.47
CA THR A 129 -20.07 -24.23 7.00
C THR A 129 -18.79 -24.82 6.45
N ARG A 130 -18.87 -25.66 5.40
CA ARG A 130 -17.68 -26.20 4.81
C ARG A 130 -17.18 -25.19 3.79
N TYR A 131 -15.87 -25.05 3.69
CA TYR A 131 -15.21 -24.08 2.78
C TYR A 131 -14.12 -24.72 1.95
N LEU A 132 -14.00 -24.24 0.73
CA LEU A 132 -12.81 -24.54 -0.10
C LEU A 132 -12.35 -23.20 -0.73
N PHE A 133 -11.10 -22.81 -0.45
CA PHE A 133 -10.48 -21.64 -1.08
C PHE A 133 -9.52 -22.08 -2.16
N LEU A 134 -9.54 -21.39 -3.30
CA LEU A 134 -8.73 -21.78 -4.46
C LEU A 134 -7.40 -21.04 -4.57
N GLY A 135 -7.01 -20.29 -3.52
CA GLY A 135 -5.66 -19.68 -3.47
C GLY A 135 -5.64 -18.16 -3.74
N ASP A 136 -4.43 -17.60 -3.90
CA ASP A 136 -4.22 -16.13 -4.04
C ASP A 136 -4.81 -15.42 -2.84
N TYR A 137 -4.27 -15.81 -1.67
CA TYR A 137 -4.59 -15.15 -0.38
C TYR A 137 -3.87 -13.81 -0.22
N VAL A 138 -2.70 -13.70 -0.86
CA VAL A 138 -1.76 -12.60 -0.62
C VAL A 138 -1.50 -11.78 -1.87
N ASP A 139 -0.80 -10.66 -1.63
CA ASP A 139 -0.34 -9.66 -2.61
C ASP A 139 -1.47 -8.71 -2.99
N ARG A 140 -1.04 -7.49 -3.29
CA ARG A 140 -1.83 -6.36 -3.80
C ARG A 140 -2.56 -5.71 -2.62
N GLY A 141 -3.46 -6.45 -1.98
CA GLY A 141 -4.08 -5.94 -0.74
C GLY A 141 -3.04 -5.82 0.38
N TYR A 142 -3.15 -4.77 1.21
CA TYR A 142 -2.11 -4.53 2.25
C TYR A 142 -2.48 -5.15 3.58
N PHE A 143 -3.39 -6.14 3.57
CA PHE A 143 -3.75 -6.93 4.77
C PHE A 143 -3.61 -8.42 4.45
N SER A 144 -2.58 -8.74 3.64
CA SER A 144 -2.28 -10.12 3.28
C SER A 144 -1.91 -10.97 4.47
N ILE A 145 -1.10 -10.46 5.39
CA ILE A 145 -0.68 -11.33 6.49
C ILE A 145 -1.86 -11.58 7.46
N GLU A 146 -2.79 -10.63 7.58
CA GLU A 146 -4.02 -10.89 8.37
C GLU A 146 -4.89 -11.96 7.69
N CYS A 147 -5.00 -11.90 6.36
CA CYS A 147 -5.75 -12.95 5.67
C CYS A 147 -5.12 -14.30 5.95
N VAL A 148 -3.80 -14.42 5.81
CA VAL A 148 -3.15 -15.72 6.01
C VAL A 148 -3.30 -16.19 7.48
N LEU A 149 -3.03 -15.30 8.41
CA LEU A 149 -3.06 -15.73 9.81
C LEU A 149 -4.49 -16.12 10.23
N TYR A 150 -5.50 -15.37 9.75
CA TYR A 150 -6.87 -15.72 10.15
C TYR A 150 -7.34 -17.03 9.44
N LEU A 151 -7.04 -17.16 8.13
CA LEU A 151 -7.44 -18.41 7.43
C LEU A 151 -6.72 -19.61 8.01
N TRP A 152 -5.44 -19.45 8.35
CA TRP A 152 -4.72 -20.53 8.95
C TRP A 152 -5.27 -20.85 10.36
N ALA A 153 -5.62 -19.83 11.13
CA ALA A 153 -6.28 -20.09 12.45
C ALA A 153 -7.59 -20.87 12.23
N LEU A 154 -8.34 -20.52 11.18
CA LEU A 154 -9.59 -21.27 10.91
C LEU A 154 -9.25 -22.73 10.52
N LYS A 155 -8.18 -22.89 9.73
CA LYS A 155 -7.79 -24.25 9.37
C LYS A 155 -7.46 -25.08 10.61
N ILE A 156 -6.81 -24.46 11.57
CA ILE A 156 -6.42 -25.16 12.80
C ILE A 156 -7.67 -25.57 13.63
N TRP A 157 -8.68 -24.70 13.63
CA TRP A 157 -9.94 -24.99 14.34
C TRP A 157 -10.80 -25.99 13.59
N TYR A 158 -10.80 -25.88 12.26
CA TYR A 158 -11.74 -26.66 11.42
C TYR A 158 -11.04 -27.50 10.36
N PRO A 159 -10.10 -28.37 10.77
CA PRO A 159 -9.22 -28.97 9.77
C PRO A 159 -9.95 -29.89 8.83
N ASN A 160 -11.12 -30.39 9.26
CA ASN A 160 -11.87 -31.38 8.48
C ASN A 160 -13.07 -30.74 7.79
N THR A 161 -13.19 -29.40 7.82
CA THR A 161 -14.32 -28.75 7.10
C THR A 161 -13.89 -27.48 6.35
N LEU A 162 -12.63 -27.09 6.46
CA LEU A 162 -12.18 -25.87 5.71
C LEU A 162 -10.88 -26.28 5.00
N TRP A 163 -10.82 -26.04 3.70
CA TRP A 163 -9.63 -26.41 2.94
C TRP A 163 -9.12 -25.21 2.12
N LEU A 164 -7.81 -25.22 1.95
CA LEU A 164 -7.04 -24.11 1.35
C LEU A 164 -6.19 -24.74 0.20
N LEU A 165 -6.34 -24.23 -1.01
CA LEU A 165 -5.43 -24.63 -2.10
C LEU A 165 -4.39 -23.58 -2.33
N ARG A 166 -3.39 -23.97 -3.05
CA ARG A 166 -2.33 -23.04 -3.48
C ARG A 166 -2.77 -22.23 -4.75
N GLY A 167 -2.50 -20.93 -4.72
CA GLY A 167 -2.62 -20.10 -5.93
C GLY A 167 -1.24 -19.72 -6.48
N ASN A 168 -1.21 -19.09 -7.64
CA ASN A 168 0.11 -18.75 -8.20
C ASN A 168 0.83 -17.71 -7.33
N HIS A 169 0.08 -16.92 -6.52
CA HIS A 169 0.78 -15.94 -5.64
C HIS A 169 1.38 -16.54 -4.39
N GLU A 170 1.06 -17.80 -4.08
CA GLU A 170 1.62 -18.39 -2.84
C GLU A 170 3.01 -18.97 -3.14
N CYS A 171 3.98 -18.08 -3.38
CA CYS A 171 5.33 -18.54 -3.73
C CYS A 171 6.27 -17.34 -3.48
N ARG A 172 7.56 -17.63 -3.47
CA ARG A 172 8.54 -16.56 -3.23
C ARG A 172 8.61 -15.54 -4.35
N HIS A 173 8.59 -16.00 -5.59
CA HIS A 173 8.85 -15.08 -6.70
C HIS A 173 7.80 -13.98 -6.73
N LEU A 174 6.52 -14.34 -6.69
CA LEU A 174 5.49 -13.30 -6.80
C LEU A 174 5.36 -12.43 -5.54
N THR A 175 5.57 -13.04 -4.38
CA THR A 175 5.45 -12.25 -3.13
C THR A 175 6.62 -11.27 -3.00
N ASP A 176 7.78 -11.59 -3.60
CA ASP A 176 8.90 -10.66 -3.64
C ASP A 176 8.64 -9.54 -4.67
N TYR A 177 8.06 -9.92 -5.81
CA TYR A 177 7.83 -8.96 -6.90
C TYR A 177 6.72 -7.94 -6.52
N PHE A 178 5.63 -8.44 -5.95
CA PHE A 178 4.52 -7.61 -5.46
C PHE A 178 4.78 -7.18 -4.01
N THR A 179 3.86 -7.40 -3.10
CA THR A 179 3.88 -6.63 -1.85
C THR A 179 4.02 -7.47 -0.58
N PHE A 180 3.77 -8.78 -0.64
CA PHE A 180 3.66 -9.58 0.60
C PHE A 180 4.97 -9.68 1.35
N LYS A 181 6.08 -9.80 0.62
CA LYS A 181 7.38 -9.84 1.34
C LYS A 181 7.62 -8.55 2.12
N LEU A 182 7.38 -7.44 1.45
CA LEU A 182 7.53 -6.12 2.12
C LEU A 182 6.55 -6.01 3.30
N GLU A 183 5.29 -6.41 3.06
CA GLU A 183 4.30 -6.37 4.17
C GLU A 183 4.78 -7.19 5.40
N CYS A 184 5.25 -8.42 5.17
CA CYS A 184 5.77 -9.22 6.30
C CYS A 184 6.95 -8.58 6.96
N LYS A 185 7.89 -8.04 6.16
CA LYS A 185 9.02 -7.41 6.80
C LYS A 185 8.62 -6.15 7.60
N HIS A 186 7.60 -5.44 7.12
CA HIS A 186 7.16 -4.24 7.84
C HIS A 186 6.42 -4.54 9.15
N LYS A 187 5.47 -5.47 9.08
CA LYS A 187 4.61 -5.78 10.21
C LYS A 187 5.20 -6.82 11.14
N TYR A 188 6.03 -7.70 10.59
CA TYR A 188 6.57 -8.82 11.37
C TYR A 188 8.07 -8.90 11.14
N SER A 189 8.53 -9.95 10.45
CA SER A 189 9.97 -10.15 10.26
C SER A 189 10.17 -11.01 9.04
N GLU A 190 11.42 -11.07 8.56
CA GLU A 190 11.71 -12.01 7.43
C GLU A 190 11.49 -13.46 7.91
N LYS A 191 11.70 -13.73 9.21
CA LYS A 191 11.43 -15.09 9.70
C LYS A 191 9.94 -15.49 9.49
N VAL A 192 9.03 -14.56 9.75
CA VAL A 192 7.62 -14.81 9.50
C VAL A 192 7.39 -15.00 7.99
N TYR A 193 8.03 -14.16 7.18
CA TYR A 193 7.88 -14.35 5.73
C TYR A 193 8.35 -15.75 5.30
N ASP A 194 9.50 -16.16 5.80
CA ASP A 194 10.04 -17.46 5.41
C ASP A 194 9.12 -18.58 5.87
N ALA A 195 8.57 -18.43 7.07
CA ALA A 195 7.65 -19.48 7.56
C ALA A 195 6.40 -19.58 6.63
N CYS A 196 5.89 -18.42 6.19
CA CYS A 196 4.79 -18.44 5.20
C CYS A 196 5.19 -19.11 3.92
N MET A 197 6.42 -18.87 3.46
CA MET A 197 6.82 -19.48 2.20
C MET A 197 6.83 -21.01 2.33
N GLU A 198 7.32 -21.50 3.46
CA GLU A 198 7.37 -22.96 3.67
C GLU A 198 5.93 -23.51 3.77
N SER A 199 5.06 -22.75 4.43
CA SER A 199 3.65 -23.16 4.54
C SER A 199 2.98 -23.21 3.18
N PHE A 200 3.27 -22.24 2.34
CA PHE A 200 2.70 -22.22 0.99
C PHE A 200 3.13 -23.44 0.16
N CYS A 201 4.35 -23.95 0.40
CA CYS A 201 4.80 -25.15 -0.31
C CYS A 201 4.00 -26.36 0.13
N ALA A 202 3.37 -26.29 1.30
CA ALA A 202 2.60 -27.43 1.80
C ALA A 202 1.14 -27.37 1.32
N LEU A 203 0.70 -26.23 0.77
CA LEU A 203 -0.72 -26.11 0.32
C LEU A 203 -1.00 -27.17 -0.79
N PRO A 204 -2.10 -27.94 -0.63
CA PRO A 204 -2.54 -28.86 -1.69
C PRO A 204 -2.81 -28.07 -3.00
N LEU A 205 -2.79 -28.78 -4.13
CA LEU A 205 -2.84 -28.15 -5.45
C LEU A 205 -4.24 -28.22 -6.07
N ALA A 206 -5.06 -29.18 -5.63
CA ALA A 206 -6.36 -29.33 -6.31
C ALA A 206 -7.34 -30.02 -5.41
N ALA A 207 -8.62 -30.02 -5.82
CA ALA A 207 -9.58 -30.86 -5.11
C ALA A 207 -10.56 -31.45 -6.11
N ILE A 208 -11.07 -32.63 -5.78
CA ILE A 208 -12.34 -33.12 -6.37
C ILE A 208 -13.45 -32.83 -5.40
N MET A 209 -14.44 -32.03 -5.82
CA MET A 209 -15.50 -31.65 -4.92
C MET A 209 -16.80 -32.42 -5.33
N ASN A 210 -17.35 -33.14 -4.35
CA ASN A 210 -18.56 -33.94 -4.44
C ASN A 210 -18.50 -34.95 -5.59
N LYS A 211 -17.29 -35.46 -5.84
CA LYS A 211 -17.05 -36.45 -6.91
C LYS A 211 -17.49 -35.91 -8.28
N GLN A 212 -17.60 -34.59 -8.40
CA GLN A 212 -18.18 -33.93 -9.59
C GLN A 212 -17.32 -32.87 -10.23
N PHE A 213 -16.52 -32.16 -9.44
CA PHE A 213 -15.81 -30.95 -9.95
C PHE A 213 -14.34 -31.00 -9.68
N LEU A 214 -13.51 -30.73 -10.69
CA LEU A 214 -12.08 -30.49 -10.44
C LEU A 214 -11.99 -28.99 -10.04
N CYS A 215 -11.42 -28.72 -8.86
CA CYS A 215 -11.24 -27.36 -8.33
C CYS A 215 -9.75 -27.08 -8.27
N ILE A 216 -9.33 -26.07 -9.01
CA ILE A 216 -7.92 -25.66 -9.04
CA ILE A 216 -7.93 -25.67 -9.05
C ILE A 216 -7.83 -24.16 -9.14
N HIS A 217 -6.66 -23.60 -8.87
CA HIS A 217 -6.61 -22.15 -8.96
C HIS A 217 -6.66 -21.67 -10.43
N GLY A 218 -5.78 -22.29 -11.25
CA GLY A 218 -5.52 -21.83 -12.61
C GLY A 218 -6.26 -22.62 -13.67
N GLY A 219 -5.67 -23.69 -14.22
CA GLY A 219 -6.32 -24.29 -15.37
C GLY A 219 -5.73 -25.62 -15.79
N LEU A 220 -6.19 -26.11 -16.94
CA LEU A 220 -5.79 -27.42 -17.43
C LEU A 220 -4.35 -27.33 -18.01
N SER A 221 -3.82 -28.46 -18.39
CA SER A 221 -2.43 -28.55 -18.81
C SER A 221 -2.30 -29.59 -19.88
N PRO A 222 -1.37 -29.38 -20.84
CA PRO A 222 -1.13 -30.47 -21.77
C PRO A 222 -0.59 -31.74 -21.08
N GLU A 223 -0.19 -31.62 -19.83
CA GLU A 223 0.33 -32.77 -19.09
C GLU A 223 -0.68 -33.29 -18.05
N LEU A 224 -1.89 -32.71 -18.04
CA LEU A 224 -2.93 -33.15 -17.11
C LEU A 224 -3.87 -34.10 -17.89
N HIS A 225 -3.54 -35.38 -17.88
CA HIS A 225 -4.39 -36.37 -18.58
C HIS A 225 -5.41 -37.01 -17.66
N THR A 226 -4.96 -37.46 -16.50
CA THR A 226 -5.88 -38.11 -15.54
C THR A 226 -5.54 -37.50 -14.17
N LEU A 227 -6.35 -37.77 -13.19
CA LEU A 227 -6.14 -37.23 -11.85
C LEU A 227 -4.85 -37.81 -11.22
N GLU A 228 -4.43 -39.00 -11.69
CA GLU A 228 -3.17 -39.59 -11.20
C GLU A 228 -2.02 -38.64 -11.48
N ASP A 229 -2.10 -37.87 -12.57
CA ASP A 229 -1.03 -36.88 -12.86
C ASP A 229 -0.87 -35.80 -11.75
N ILE A 230 -1.97 -35.38 -11.13
CA ILE A 230 -1.85 -34.45 -10.00
C ILE A 230 -1.22 -35.14 -8.80
N LYS A 231 -1.56 -36.39 -8.58
CA LYS A 231 -1.11 -37.10 -7.38
C LYS A 231 0.40 -37.32 -7.47
N SER A 232 0.93 -37.41 -8.69
CA SER A 232 2.35 -37.70 -8.90
CA SER A 232 2.35 -37.73 -8.83
C SER A 232 3.26 -36.48 -8.65
N ILE A 233 2.67 -35.30 -8.55
CA ILE A 233 3.48 -34.09 -8.41
C ILE A 233 4.21 -34.08 -7.04
N ASP A 234 5.45 -33.59 -7.03
CA ASP A 234 6.09 -33.25 -5.75
C ASP A 234 5.74 -31.78 -5.48
N ARG A 235 4.74 -31.53 -4.66
CA ARG A 235 4.27 -30.14 -4.53
C ARG A 235 5.12 -29.32 -3.55
N PHE A 236 5.98 -29.97 -2.80
CA PHE A 236 6.63 -29.26 -1.67
C PHE A 236 7.88 -28.48 -2.11
N ARG A 237 7.64 -27.43 -2.89
CA ARG A 237 8.73 -26.69 -3.54
C ARG A 237 8.12 -25.44 -4.16
N GLU A 238 8.95 -24.49 -4.54
CA GLU A 238 8.46 -23.35 -5.32
C GLU A 238 7.94 -23.84 -6.70
N PRO A 239 6.87 -23.24 -7.21
CA PRO A 239 6.33 -23.70 -8.54
C PRO A 239 7.39 -23.44 -9.60
N PRO A 240 7.55 -24.38 -10.49
CA PRO A 240 8.48 -24.24 -11.62
C PRO A 240 7.98 -23.25 -12.66
N THR A 241 8.88 -22.76 -13.50
CA THR A 241 8.57 -21.90 -14.64
CA THR A 241 8.41 -21.87 -14.57
C THR A 241 7.73 -22.61 -15.73
N HIS A 242 7.92 -23.92 -15.80
CA HIS A 242 7.26 -24.74 -16.83
C HIS A 242 6.67 -25.97 -16.17
N GLY A 243 5.63 -26.58 -16.74
CA GLY A 243 5.30 -27.92 -16.31
C GLY A 243 3.93 -27.97 -15.68
N LEU A 244 3.46 -29.18 -15.40
CA LEU A 244 2.09 -29.39 -14.89
C LEU A 244 1.87 -28.59 -13.63
N MET A 245 2.86 -28.55 -12.71
CA MET A 245 2.61 -27.81 -11.48
C MET A 245 2.41 -26.31 -11.75
N CYS A 246 3.18 -25.79 -12.71
CA CYS A 246 2.99 -24.39 -13.15
C CYS A 246 1.57 -24.19 -13.67
N ASP A 247 1.15 -25.07 -14.58
CA ASP A 247 -0.10 -24.88 -15.36
C ASP A 247 -1.33 -24.93 -14.44
N ILE A 248 -1.32 -25.84 -13.47
CA ILE A 248 -2.40 -25.91 -12.49
C ILE A 248 -2.64 -24.57 -11.82
N LEU A 249 -1.56 -23.81 -11.57
CA LEU A 249 -1.65 -22.54 -10.89
C LEU A 249 -1.83 -21.34 -11.83
N TRP A 250 -1.46 -21.50 -13.12
CA TRP A 250 -1.31 -20.35 -14.00
C TRP A 250 -2.23 -20.36 -15.23
N ALA A 251 -2.72 -21.53 -15.64
CA ALA A 251 -3.40 -21.59 -16.97
C ALA A 251 -4.77 -20.87 -16.97
N ASP A 252 -5.18 -20.39 -18.15
CA ASP A 252 -6.46 -19.68 -18.33
C ASP A 252 -7.25 -20.34 -19.47
N PRO A 253 -8.59 -20.27 -19.40
CA PRO A 253 -9.31 -20.56 -20.67
C PRO A 253 -9.03 -19.54 -21.76
N LEU A 254 -9.10 -20.02 -23.01
CA LEU A 254 -8.96 -19.10 -24.12
C LEU A 254 -9.95 -17.95 -24.03
N GLU A 255 -9.56 -16.79 -24.51
CA GLU A 255 -10.53 -15.70 -24.62
C GLU A 255 -11.77 -16.06 -25.45
N ASP A 256 -11.62 -16.88 -26.47
CA ASP A 256 -12.82 -17.22 -27.26
C ASP A 256 -13.23 -18.67 -26.93
N PHE A 257 -13.10 -19.01 -25.64
CA PHE A 257 -13.42 -20.35 -25.10
C PHE A 257 -14.82 -20.71 -25.53
N GLY A 258 -14.99 -21.84 -26.20
CA GLY A 258 -16.32 -22.23 -26.69
C GLY A 258 -16.68 -21.81 -28.11
N THR A 259 -15.94 -20.84 -28.65
CA THR A 259 -16.23 -20.40 -30.03
C THR A 259 -14.97 -20.42 -30.84
N GLU A 260 -14.09 -21.37 -30.53
CA GLU A 260 -12.78 -21.39 -31.17
C GLU A 260 -12.95 -21.70 -32.66
N LYS A 261 -11.90 -21.41 -33.40
CA LYS A 261 -11.82 -21.74 -34.82
C LYS A 261 -10.79 -22.87 -34.93
N THR A 262 -9.54 -22.57 -34.56
CA THR A 262 -8.47 -23.57 -34.53
C THR A 262 -8.84 -24.72 -33.57
N GLY A 263 -8.34 -25.92 -33.86
CA GLY A 263 -8.71 -27.07 -33.06
C GLY A 263 -7.81 -27.31 -31.83
N GLU A 264 -6.80 -26.47 -31.66
CA GLU A 264 -5.77 -26.64 -30.65
C GLU A 264 -6.35 -26.79 -29.24
N TYR A 265 -5.83 -27.75 -28.47
CA TYR A 265 -6.21 -27.85 -27.05
C TYR A 265 -5.53 -26.78 -26.23
N PHE A 266 -4.23 -26.55 -26.50
CA PHE A 266 -3.42 -25.60 -25.70
C PHE A 266 -2.62 -24.69 -26.59
N VAL A 267 -2.50 -23.43 -26.17
CA VAL A 267 -1.67 -22.46 -26.91
C VAL A 267 -0.87 -21.70 -25.87
N HIS A 268 0.36 -21.29 -26.20
CA HIS A 268 1.17 -20.54 -25.22
C HIS A 268 0.36 -19.31 -24.71
N ASN A 269 0.37 -19.07 -23.40
CA ASN A 269 -0.34 -17.96 -22.77
C ASN A 269 0.53 -16.70 -22.77
N ASN A 270 0.35 -15.88 -23.81
CA ASN A 270 1.15 -14.68 -23.97
C ASN A 270 0.72 -13.57 -23.00
N VAL A 271 -0.44 -13.71 -22.37
CA VAL A 271 -0.87 -12.74 -21.35
C VAL A 271 -0.11 -12.98 -20.03
N ARG A 272 0.02 -14.23 -19.64
CA ARG A 272 0.76 -14.50 -18.43
C ARG A 272 2.26 -14.55 -18.67
N GLY A 273 2.69 -14.82 -19.91
CA GLY A 273 4.11 -15.02 -20.20
C GLY A 273 4.64 -16.40 -19.84
N CYS A 274 3.74 -17.30 -19.44
CA CYS A 274 4.11 -18.67 -19.13
C CYS A 274 2.83 -19.49 -19.21
N SER A 275 2.96 -20.81 -19.10
CA SER A 275 1.80 -21.71 -19.12
C SER A 275 0.95 -21.52 -20.41
N PHE A 276 -0.35 -21.81 -20.33
CA PHE A 276 -1.17 -22.02 -21.53
C PHE A 276 -2.54 -21.42 -21.37
N PHE A 277 -3.13 -21.09 -22.51
CA PHE A 277 -4.58 -21.02 -22.63
C PHE A 277 -5.09 -22.40 -23.00
N PHE A 278 -6.21 -22.82 -22.42
CA PHE A 278 -6.82 -24.09 -22.84
C PHE A 278 -8.22 -23.89 -23.46
N SER A 279 -8.58 -24.78 -24.38
CA SER A 279 -9.80 -24.64 -25.19
C SER A 279 -10.98 -25.43 -24.61
N TYR A 280 -12.17 -25.11 -25.12
CA TYR A 280 -13.35 -25.85 -24.75
C TYR A 280 -13.25 -27.33 -25.14
N PRO A 281 -12.80 -27.63 -26.38
CA PRO A 281 -12.56 -29.05 -26.65
C PRO A 281 -11.55 -29.70 -25.67
N ALA A 282 -10.51 -28.98 -25.21
CA ALA A 282 -9.56 -29.53 -24.21
C ALA A 282 -10.29 -29.83 -22.91
N ALA A 283 -11.15 -28.91 -22.51
CA ALA A 283 -11.90 -29.08 -21.25
C ALA A 283 -12.88 -30.26 -21.35
N CYS A 284 -13.60 -30.31 -22.45
CA CYS A 284 -14.55 -31.43 -22.65
C CYS A 284 -13.81 -32.79 -22.64
N ALA A 285 -12.65 -32.85 -23.27
CA ALA A 285 -11.92 -34.12 -23.36
C ALA A 285 -11.51 -34.60 -21.96
N PHE A 286 -11.01 -33.66 -21.18
CA PHE A 286 -10.55 -33.95 -19.80
C PHE A 286 -11.70 -34.42 -18.93
N LEU A 287 -12.81 -33.70 -19.01
CA LEU A 287 -13.97 -34.01 -18.19
C LEU A 287 -14.51 -35.37 -18.56
N GLU A 288 -14.59 -35.66 -19.84
CA GLU A 288 -15.15 -36.92 -20.29
C GLU A 288 -14.23 -38.10 -19.84
N LYS A 289 -12.93 -37.92 -20.00
CA LYS A 289 -11.97 -38.95 -19.70
C LYS A 289 -12.00 -39.24 -18.19
N ASN A 290 -12.22 -38.21 -17.39
CA ASN A 290 -12.13 -38.41 -15.95
C ASN A 290 -13.50 -38.48 -15.24
N ASN A 291 -14.59 -38.55 -15.99
CA ASN A 291 -15.94 -38.61 -15.41
C ASN A 291 -16.23 -37.48 -14.40
N LEU A 292 -15.94 -36.26 -14.82
CA LEU A 292 -16.23 -35.07 -14.04
C LEU A 292 -17.16 -34.16 -14.82
N LEU A 293 -17.79 -33.25 -14.09
CA LEU A 293 -18.85 -32.42 -14.68
C LEU A 293 -18.34 -31.06 -15.13
N SER A 294 -17.44 -30.48 -14.34
CA SER A 294 -16.93 -29.15 -14.60
CA SER A 294 -16.95 -29.11 -14.57
C SER A 294 -15.59 -28.92 -13.91
N ILE A 295 -14.87 -27.89 -14.39
CA ILE A 295 -13.65 -27.36 -13.74
C ILE A 295 -14.05 -26.08 -13.06
N ILE A 296 -13.82 -25.96 -11.76
CA ILE A 296 -14.11 -24.73 -11.02
C ILE A 296 -12.73 -24.11 -10.71
N ARG A 297 -12.53 -22.85 -11.10
CA ARG A 297 -11.19 -22.30 -10.93
C ARG A 297 -11.35 -20.80 -10.62
N ALA A 298 -10.24 -20.13 -10.46
CA ALA A 298 -10.29 -18.72 -10.04
C ALA A 298 -9.38 -17.89 -10.98
N HIS A 299 -8.47 -17.10 -10.41
CA HIS A 299 -7.27 -16.59 -11.13
C HIS A 299 -7.55 -15.44 -12.12
N GLU A 300 -8.79 -15.26 -12.62
CA GLU A 300 -9.03 -14.11 -13.52
C GLU A 300 -10.14 -13.26 -12.92
N ALA A 301 -9.88 -11.95 -12.78
CA ALA A 301 -10.89 -11.06 -12.22
C ALA A 301 -12.15 -11.02 -13.09
N GLN A 302 -13.32 -10.94 -12.46
CA GLN A 302 -14.57 -10.87 -13.20
C GLN A 302 -15.42 -9.71 -12.69
N ASP A 303 -16.00 -8.91 -13.59
CA ASP A 303 -16.85 -7.80 -13.16
CA ASP A 303 -16.87 -7.80 -13.19
C ASP A 303 -18.02 -8.27 -12.27
N ALA A 304 -18.57 -9.44 -12.61
CA ALA A 304 -19.71 -10.03 -11.90
C ALA A 304 -19.29 -10.87 -10.69
N GLY A 305 -17.97 -11.06 -10.53
CA GLY A 305 -17.43 -11.94 -9.48
C GLY A 305 -17.38 -13.42 -9.89
N TYR A 306 -17.91 -13.73 -11.08
CA TYR A 306 -17.90 -15.11 -11.53
C TYR A 306 -18.13 -15.10 -13.04
N ARG A 307 -17.82 -16.22 -13.68
CA ARG A 307 -18.16 -16.40 -15.10
C ARG A 307 -18.47 -17.88 -15.33
N MET A 308 -19.56 -18.19 -16.02
CA MET A 308 -19.89 -19.60 -16.37
C MET A 308 -19.60 -19.77 -17.87
N TYR A 309 -18.86 -20.80 -18.26
CA TYR A 309 -18.49 -21.00 -19.65
C TYR A 309 -19.39 -22.02 -20.30
N GLN A 310 -19.17 -22.26 -21.59
CA GLN A 310 -20.02 -23.15 -22.40
CA GLN A 310 -20.01 -23.14 -22.39
C GLN A 310 -20.30 -24.50 -21.73
N LYS A 311 -21.59 -24.86 -21.66
CA LYS A 311 -22.00 -26.16 -21.12
C LYS A 311 -21.51 -27.32 -22.01
N THR A 312 -21.17 -28.44 -21.37
CA THR A 312 -20.86 -29.67 -22.12
C THR A 312 -22.12 -30.27 -22.74
N ARG A 313 -21.89 -31.00 -23.82
CA ARG A 313 -22.95 -31.75 -24.48
C ARG A 313 -23.43 -32.89 -23.61
N THR A 314 -22.46 -33.54 -22.94
CA THR A 314 -22.71 -34.79 -22.21
C THR A 314 -23.64 -34.56 -21.03
N THR A 315 -23.35 -33.56 -20.22
CA THR A 315 -24.15 -33.36 -19.01
C THR A 315 -24.95 -32.05 -18.98
N GLY A 316 -24.56 -31.07 -19.80
CA GLY A 316 -25.11 -29.74 -19.69
C GLY A 316 -24.66 -28.89 -18.51
N PHE A 317 -23.65 -29.32 -17.73
CA PHE A 317 -23.06 -28.41 -16.75
C PHE A 317 -22.09 -27.45 -17.49
N PRO A 318 -21.89 -26.22 -16.98
CA PRO A 318 -20.81 -25.36 -17.53
C PRO A 318 -19.48 -26.09 -17.49
N SER A 319 -18.74 -26.11 -18.60
CA SER A 319 -17.49 -26.88 -18.60
C SER A 319 -16.46 -26.27 -17.68
N VAL A 320 -16.54 -24.95 -17.52
CA VAL A 320 -15.62 -24.23 -16.62
C VAL A 320 -16.43 -23.19 -15.88
N MET A 321 -16.10 -22.96 -14.60
CA MET A 321 -16.65 -21.83 -13.85
C MET A 321 -15.45 -21.06 -13.26
N THR A 322 -15.47 -19.74 -13.41
CA THR A 322 -14.41 -18.95 -12.75
C THR A 322 -15.09 -18.27 -11.56
N ILE A 323 -14.44 -18.30 -10.39
CA ILE A 323 -15.00 -17.64 -9.21
C ILE A 323 -13.90 -16.68 -8.72
N PHE A 324 -14.29 -15.46 -8.34
CA PHE A 324 -13.30 -14.44 -8.01
C PHE A 324 -13.81 -13.65 -6.81
N SER A 325 -13.07 -13.72 -5.69
CA SER A 325 -13.70 -13.27 -4.44
C SER A 325 -13.09 -11.94 -3.88
N ALA A 326 -12.49 -11.13 -4.74
CA ALA A 326 -11.88 -9.86 -4.32
C ALA A 326 -12.67 -8.70 -4.99
N PRO A 327 -13.64 -8.09 -4.27
CA PRO A 327 -14.43 -7.02 -4.90
C PRO A 327 -13.61 -5.73 -5.02
N ASN A 328 -13.97 -4.87 -5.97
CA ASN A 328 -13.24 -3.59 -6.20
C ASN A 328 -11.74 -3.87 -6.15
N TYR A 329 -11.34 -4.85 -6.94
CA TYR A 329 -9.99 -5.41 -6.87
C TYR A 329 -8.95 -4.29 -7.12
N LEU A 330 -7.93 -4.22 -6.26
CA LEU A 330 -6.87 -3.21 -6.30
C LEU A 330 -7.34 -1.79 -5.92
N ASP A 331 -8.57 -1.68 -5.42
CA ASP A 331 -9.20 -0.37 -5.18
C ASP A 331 -9.53 0.28 -6.56
N VAL A 332 -9.44 -0.51 -7.65
CA VAL A 332 -9.50 0.06 -9.01
C VAL A 332 -10.80 -0.32 -9.78
N TYR A 333 -11.11 -1.62 -9.82
CA TYR A 333 -11.98 -2.20 -10.87
C TYR A 333 -13.48 -2.15 -10.58
N ASN A 334 -13.84 -1.76 -9.36
CA ASN A 334 -15.23 -1.69 -8.93
C ASN A 334 -16.06 -2.95 -9.28
N ASN A 335 -15.39 -4.10 -9.42
CA ASN A 335 -16.09 -5.35 -9.70
C ASN A 335 -16.78 -5.90 -8.45
N LYS A 336 -17.85 -6.66 -8.65
CA LYS A 336 -18.36 -7.51 -7.60
C LYS A 336 -17.43 -8.69 -7.34
N ALA A 337 -17.54 -9.26 -6.14
CA ALA A 337 -16.91 -10.54 -5.84
C ALA A 337 -18.04 -11.59 -5.81
N ALA A 338 -17.70 -12.87 -5.79
CA ALA A 338 -18.70 -13.89 -5.53
C ALA A 338 -18.05 -15.12 -4.87
N VAL A 339 -18.90 -15.91 -4.21
CA VAL A 339 -18.57 -17.28 -3.81
C VAL A 339 -19.65 -18.20 -4.41
N LEU A 340 -19.31 -19.50 -4.51
CA LEU A 340 -20.29 -20.48 -5.00
C LEU A 340 -20.72 -21.30 -3.78
N LYS A 341 -22.02 -21.45 -3.56
CA LYS A 341 -22.49 -22.18 -2.40
C LYS A 341 -23.24 -23.38 -3.00
N TYR A 342 -22.64 -24.55 -2.91
CA TYR A 342 -23.17 -25.76 -3.58
C TYR A 342 -23.84 -26.64 -2.57
N GLU A 343 -25.14 -26.89 -2.74
CA GLU A 343 -25.89 -27.66 -1.76
C GLU A 343 -27.18 -28.12 -2.39
N ASN A 344 -27.60 -29.33 -2.05
CA ASN A 344 -28.87 -29.90 -2.57
C ASN A 344 -28.94 -29.78 -4.08
N ASN A 345 -27.80 -30.01 -4.72
CA ASN A 345 -27.67 -30.02 -6.19
CA ASN A 345 -27.70 -30.02 -6.16
C ASN A 345 -27.95 -28.67 -6.84
N VAL A 346 -27.80 -27.60 -6.09
CA VAL A 346 -27.95 -26.26 -6.64
C VAL A 346 -26.67 -25.50 -6.44
N MET A 347 -26.17 -24.87 -7.51
CA MET A 347 -25.02 -24.00 -7.39
C MET A 347 -25.50 -22.60 -7.13
N ASN A 348 -25.52 -22.18 -5.86
CA ASN A 348 -25.98 -20.84 -5.55
C ASN A 348 -24.81 -19.84 -5.72
N ILE A 349 -25.00 -18.83 -6.53
CA ILE A 349 -23.99 -17.79 -6.75
C ILE A 349 -24.32 -16.62 -5.84
N ARG A 350 -23.41 -16.33 -4.92
CA ARG A 350 -23.61 -15.24 -3.98
C ARG A 350 -22.60 -14.15 -4.26
N GLN A 351 -23.06 -13.03 -4.82
CA GLN A 351 -22.17 -11.88 -5.06
C GLN A 351 -22.14 -10.96 -3.87
N PHE A 352 -21.04 -10.25 -3.73
CA PHE A 352 -21.02 -9.16 -2.76
C PHE A 352 -20.15 -8.02 -3.26
N ASN A 353 -20.41 -6.85 -2.70
CA ASN A 353 -19.64 -5.64 -3.05
C ASN A 353 -18.53 -5.35 -2.05
N CYS A 354 -17.67 -4.37 -2.37
CA CYS A 354 -16.48 -4.10 -1.57
C CYS A 354 -16.94 -3.45 -0.28
N THR A 355 -16.08 -3.56 0.74
CA THR A 355 -16.28 -2.95 2.05
C THR A 355 -15.12 -1.92 2.24
N PRO A 356 -15.37 -0.76 2.86
CA PRO A 356 -14.24 0.17 3.04
C PRO A 356 -13.13 -0.45 3.89
N HIS A 357 -11.87 -0.04 3.64
CA HIS A 357 -10.81 -0.56 4.47
C HIS A 357 -9.87 0.60 4.84
N PRO A 358 -9.06 0.40 5.88
CA PRO A 358 -8.16 1.48 6.29
C PRO A 358 -7.16 1.83 5.20
N TYR A 359 -6.66 3.06 5.25
CA TYR A 359 -5.69 3.56 4.30
C TYR A 359 -4.26 3.30 4.86
N TRP A 360 -3.36 2.94 3.96
CA TRP A 360 -1.91 2.85 4.20
C TRP A 360 -1.21 3.72 3.18
N LEU A 361 -0.15 4.42 3.59
CA LEU A 361 0.74 5.03 2.57
C LEU A 361 1.39 3.93 1.72
N PRO A 362 1.83 4.28 0.51
CA PRO A 362 2.56 3.33 -0.37
C PRO A 362 3.69 2.66 0.40
N ASN A 363 3.84 1.35 0.20
CA ASN A 363 4.94 0.60 0.85
C ASN A 363 4.96 0.70 2.39
N PHE A 364 3.81 0.92 3.00
CA PHE A 364 3.63 0.97 4.47
C PHE A 364 4.47 2.10 5.11
N MET A 365 4.75 3.14 4.34
CA MET A 365 5.68 4.18 4.80
C MET A 365 5.08 4.86 6.03
N ASP A 366 5.90 5.23 7.02
CA ASP A 366 5.42 6.02 8.18
C ASP A 366 5.30 7.50 7.77
N VAL A 367 4.56 8.31 8.56
CA VAL A 367 4.23 9.66 8.10
C VAL A 367 5.44 10.60 8.25
N PHE A 368 6.43 10.22 9.06
CA PHE A 368 7.66 11.10 9.13
C PHE A 368 8.51 10.93 7.88
N THR A 369 8.81 9.67 7.54
CA THR A 369 9.51 9.41 6.29
C THR A 369 8.82 10.06 5.08
N TRP A 370 7.50 9.96 5.10
CA TRP A 370 6.67 10.52 4.00
C TRP A 370 6.78 12.07 3.91
N SER A 371 6.69 12.73 5.06
CA SER A 371 6.55 14.21 5.06
C SER A 371 7.87 14.96 5.15
N LEU A 372 8.90 14.33 5.68
CA LEU A 372 10.11 15.12 5.97
C LEU A 372 10.77 15.75 4.73
N PRO A 373 10.79 15.05 3.58
CA PRO A 373 11.38 15.76 2.43
C PRO A 373 10.66 17.06 2.10
N PHE A 374 9.33 17.04 2.03
CA PHE A 374 8.59 18.25 1.80
C PHE A 374 8.76 19.27 2.93
N VAL A 375 8.83 18.79 4.18
CA VAL A 375 9.02 19.69 5.32
C VAL A 375 10.32 20.47 5.13
N GLY A 376 11.34 19.76 4.67
CA GLY A 376 12.62 20.43 4.43
C GLY A 376 12.53 21.49 3.36
N GLU A 377 11.87 21.16 2.26
CA GLU A 377 11.64 22.15 1.20
CA GLU A 377 11.68 22.14 1.20
C GLU A 377 10.89 23.37 1.69
N LYS A 378 9.82 23.16 2.44
CA LYS A 378 8.98 24.29 2.88
C LYS A 378 9.75 25.22 3.78
N ILE A 379 10.51 24.63 4.70
CA ILE A 379 11.21 25.44 5.70
C ILE A 379 12.30 26.21 4.98
N THR A 380 13.10 25.51 4.17
CA THR A 380 14.22 26.22 3.57
C THR A 380 13.71 27.25 2.55
N ASP A 381 12.58 26.98 1.90
CA ASP A 381 11.99 28.04 1.04
C ASP A 381 11.70 29.30 1.81
N MET A 382 11.20 29.17 3.03
CA MET A 382 10.98 30.40 3.81
C MET A 382 12.26 31.05 4.28
N LEU A 383 13.24 30.25 4.69
CA LEU A 383 14.50 30.84 5.14
C LEU A 383 15.13 31.60 3.98
N ILE A 384 15.08 31.02 2.78
CA ILE A 384 15.66 31.69 1.60
C ILE A 384 14.97 33.03 1.38
N ALA A 385 13.66 33.03 1.50
CA ALA A 385 12.91 34.27 1.30
C ALA A 385 13.34 35.35 2.32
N ILE A 386 13.45 34.92 3.56
CA ILE A 386 13.99 35.77 4.64
C ILE A 386 15.43 36.25 4.39
N LEU A 387 16.32 35.36 3.94
CA LEU A 387 17.72 35.71 3.81
C LEU A 387 18.13 36.36 2.46
N ASN A 388 17.30 36.22 1.43
CA ASN A 388 17.66 36.56 0.05
C ASN A 388 16.45 37.12 -0.71
N MET B 1 15.38 49.37 23.33
CA MET B 1 14.69 48.67 24.40
C MET B 1 15.63 47.66 25.07
N SER B 2 16.54 47.06 24.29
CA SER B 2 17.31 45.96 24.78
C SER B 2 18.81 46.07 24.41
N SER B 3 19.62 45.19 25.00
CA SER B 3 21.01 45.04 24.61
C SER B 3 21.34 43.57 24.36
N GLN B 4 22.45 43.33 23.66
CA GLN B 4 22.93 41.97 23.51
C GLN B 4 24.41 41.96 23.20
N VAL B 5 25.05 40.83 23.53
CA VAL B 5 26.50 40.72 23.29
C VAL B 5 26.72 39.90 22.02
N LEU B 6 27.17 40.57 20.96
CA LEU B 6 27.32 39.88 19.66
C LEU B 6 28.25 38.68 19.75
N ASN B 7 29.33 38.82 20.52
CA ASN B 7 30.27 37.72 20.62
C ASN B 7 29.64 36.46 21.24
N ASP B 8 28.69 36.65 22.16
CA ASP B 8 27.98 35.50 22.76
C ASP B 8 26.99 34.84 21.78
N ILE B 9 26.37 35.64 20.94
CA ILE B 9 25.49 35.08 19.92
C ILE B 9 26.34 34.26 18.95
N VAL B 10 27.52 34.79 18.63
CA VAL B 10 28.46 34.06 17.77
C VAL B 10 28.87 32.74 18.39
N SER B 11 29.36 32.76 19.63
CA SER B 11 29.93 31.54 20.20
C SER B 11 28.87 30.52 20.48
N GLY B 12 27.63 30.98 20.68
CA GLY B 12 26.54 30.08 21.01
C GLY B 12 25.90 29.45 19.76
N SER B 13 26.34 29.89 18.58
CA SER B 13 25.76 29.37 17.33
C SER B 13 26.82 28.73 16.45
N ASN B 14 26.38 28.26 15.28
CA ASN B 14 27.30 27.71 14.27
C ASN B 14 27.93 28.79 13.41
N PHE B 15 27.60 30.06 13.64
CA PHE B 15 28.05 31.15 12.76
C PHE B 15 29.32 31.83 13.26
N ASP B 16 30.05 32.49 12.34
CA ASP B 16 31.22 33.27 12.73
C ASP B 16 30.78 34.74 12.79
N HIS B 17 31.68 35.64 13.15
CA HIS B 17 31.29 37.06 13.27
C HIS B 17 30.82 37.70 11.94
N GLU B 18 31.47 37.42 10.82
CA GLU B 18 31.01 37.97 9.54
C GLU B 18 29.58 37.54 9.20
N GLU B 19 29.27 36.25 9.42
CA GLU B 19 27.95 35.72 9.13
C GLU B 19 26.91 36.38 10.01
N VAL B 20 27.24 36.58 11.29
CA VAL B 20 26.27 37.17 12.20
C VAL B 20 26.05 38.65 11.80
N ASP B 21 27.08 39.33 11.30
CA ASP B 21 26.94 40.70 10.85
C ASP B 21 25.97 40.73 9.67
N ARG B 22 26.12 39.79 8.75
CA ARG B 22 25.20 39.72 7.62
C ARG B 22 23.78 39.41 8.11
N LEU B 23 23.66 38.49 9.07
CA LEU B 23 22.36 38.13 9.62
C LEU B 23 21.67 39.36 10.28
N TRP B 24 22.46 40.21 10.94
CA TRP B 24 21.91 41.45 11.52
C TRP B 24 21.30 42.34 10.40
N LYS B 25 22.00 42.45 9.26
CA LYS B 25 21.42 43.18 8.14
C LYS B 25 20.11 42.55 7.64
N ARG B 26 20.05 41.21 7.62
CA ARG B 26 18.80 40.58 7.16
C ARG B 26 17.68 40.81 8.16
N PHE B 27 18.06 40.79 9.44
CA PHE B 27 17.12 41.03 10.54
C PHE B 27 16.55 42.44 10.45
N MET B 28 17.40 43.41 10.13
CA MET B 28 16.90 44.75 10.00
C MET B 28 15.95 44.87 8.80
N LYS B 29 16.22 44.18 7.69
CA LYS B 29 15.31 44.23 6.54
C LYS B 29 13.91 43.71 6.95
N LEU B 30 13.89 42.70 7.80
CA LEU B 30 12.62 42.11 8.27
C LEU B 30 11.88 43.03 9.27
N ASP B 31 12.67 43.66 10.15
CA ASP B 31 12.20 44.53 11.22
C ASP B 31 11.76 45.87 10.63
N ARG B 32 10.68 45.84 9.86
CA ARG B 32 10.23 47.03 9.11
C ARG B 32 9.96 48.24 10.00
N ASP B 33 9.44 48.05 11.20
CA ASP B 33 9.10 49.23 12.00
C ASP B 33 10.24 49.59 12.95
N LYS B 34 11.40 48.95 12.76
CA LYS B 34 12.63 49.23 13.52
C LYS B 34 12.45 49.12 15.04
N SER B 35 11.61 48.19 15.46
CA SER B 35 11.37 47.96 16.90
C SER B 35 12.47 47.16 17.58
N GLY B 36 13.34 46.51 16.81
CA GLY B 36 14.35 45.62 17.36
C GLY B 36 13.89 44.17 17.49
N THR B 37 12.63 43.91 17.12
CA THR B 37 12.09 42.53 17.15
C THR B 37 11.26 42.28 15.89
N ILE B 38 11.13 41.03 15.48
CA ILE B 38 10.29 40.74 14.32
CA ILE B 38 10.29 40.71 14.32
C ILE B 38 8.93 40.27 14.82
N GLU B 39 7.90 41.05 14.48
CA GLU B 39 6.53 40.70 14.88
C GLU B 39 5.97 39.73 13.87
N ARG B 40 4.88 39.05 14.24
CA ARG B 40 4.25 38.09 13.36
C ARG B 40 4.01 38.71 11.96
N ASP B 41 3.48 39.93 11.93
CA ASP B 41 3.03 40.49 10.66
C ASP B 41 4.25 40.79 9.77
N GLU B 42 5.42 40.93 10.40
CA GLU B 42 6.60 41.24 9.64
C GLU B 42 7.12 40.00 8.91
N PHE B 43 6.85 38.81 9.46
CA PHE B 43 7.10 37.56 8.75
C PHE B 43 6.06 37.38 7.68
N LEU B 44 4.81 37.57 8.06
CA LEU B 44 3.74 37.17 7.16
C LEU B 44 3.59 38.13 5.98
N SER B 45 4.27 39.28 6.04
CA SER B 45 4.12 40.23 4.95
C SER B 45 4.96 39.78 3.75
N LEU B 46 5.83 38.78 3.94
CA LEU B 46 6.59 38.21 2.82
C LEU B 46 5.68 37.20 2.10
N PRO B 47 5.49 37.37 0.78
CA PRO B 47 4.59 36.45 0.05
C PRO B 47 5.05 35.01 0.12
N GLN B 48 6.35 34.81 0.11
CA GLN B 48 6.91 33.45 0.14
C GLN B 48 6.68 32.85 1.51
N VAL B 49 6.37 33.69 2.49
CA VAL B 49 6.06 33.18 3.80
C VAL B 49 4.54 32.92 3.92
N SER B 50 3.70 33.93 3.65
CA SER B 50 2.27 33.81 3.91
C SER B 50 1.64 32.72 3.04
N SER B 51 2.27 32.37 1.93
CA SER B 51 1.72 31.33 1.05
C SER B 51 2.27 29.95 1.37
N ASN B 52 3.15 29.86 2.35
CA ASN B 52 3.82 28.59 2.71
C ASN B 52 3.02 27.87 3.78
N PRO B 53 2.69 26.58 3.56
CA PRO B 53 1.83 25.87 4.52
C PRO B 53 2.45 25.72 5.90
N LEU B 54 3.77 25.93 6.03
CA LEU B 54 4.42 25.82 7.34
C LEU B 54 4.78 27.18 7.95
N SER B 55 4.26 28.27 7.41
CA SER B 55 4.59 29.61 7.96
C SER B 55 4.34 29.72 9.48
N THR B 56 3.18 29.24 9.96
CA THR B 56 2.96 29.42 11.40
C THR B 56 3.91 28.54 12.21
N ARG B 57 4.29 27.35 11.69
CA ARG B 57 5.31 26.54 12.39
C ARG B 57 6.67 27.21 12.46
N MET B 58 7.17 27.74 11.33
CA MET B 58 8.47 28.41 11.34
CA MET B 58 8.45 28.44 11.30
C MET B 58 8.46 29.62 12.29
N ILE B 59 7.40 30.43 12.27
CA ILE B 59 7.34 31.59 13.17
C ILE B 59 7.41 31.15 14.61
N ALA B 60 6.60 30.14 14.96
CA ALA B 60 6.54 29.63 16.32
C ALA B 60 7.92 29.08 16.76
N ILE B 61 8.61 28.37 15.87
CA ILE B 61 9.91 27.78 16.22
C ILE B 61 10.95 28.90 16.48
N PHE B 62 10.95 29.92 15.61
CA PHE B 62 11.84 31.09 15.83
C PHE B 62 11.56 31.69 17.22
N ASP B 63 10.28 31.76 17.57
CA ASP B 63 9.89 32.43 18.83
C ASP B 63 10.11 31.49 20.02
N GLU B 64 11.39 31.26 20.30
CA GLU B 64 11.82 30.31 21.30
C GLU B 64 11.09 30.47 22.64
N ASP B 65 10.93 31.70 23.11
CA ASP B 65 10.33 31.85 24.43
C ASP B 65 8.79 31.96 24.33
N GLY B 66 8.26 31.90 23.12
CA GLY B 66 6.80 31.91 22.95
C GLY B 66 6.19 33.25 23.33
N GLY B 67 7.01 34.30 23.38
CA GLY B 67 6.55 35.61 23.82
C GLY B 67 5.82 36.42 22.77
N GLY B 68 5.82 35.98 21.53
CA GLY B 68 4.97 36.61 20.54
C GLY B 68 5.77 37.37 19.50
N ASP B 69 7.05 37.60 19.78
CA ASP B 69 7.90 38.19 18.75
C ASP B 69 9.32 37.56 18.79
N VAL B 70 10.11 37.90 17.78
CA VAL B 70 11.41 37.24 17.57
C VAL B 70 12.52 38.28 17.70
N ASP B 71 13.36 38.14 18.72
CA ASP B 71 14.47 39.04 18.83
C ASP B 71 15.71 38.48 18.10
N PHE B 72 16.79 39.24 18.09
CA PHE B 72 17.92 38.82 17.19
C PHE B 72 18.54 37.51 17.65
N GLN B 73 18.61 37.29 18.96
CA GLN B 73 19.15 36.02 19.48
C GLN B 73 18.33 34.85 18.98
N GLU B 74 17.00 34.98 19.07
CA GLU B 74 16.12 33.93 18.61
C GLU B 74 16.26 33.69 17.09
N PHE B 75 16.44 34.76 16.33
CA PHE B 75 16.58 34.71 14.87
C PHE B 75 17.83 33.90 14.53
N VAL B 76 18.94 34.29 15.16
CA VAL B 76 20.21 33.57 14.94
C VAL B 76 20.08 32.10 15.40
N SER B 77 19.57 31.84 16.61
CA SER B 77 19.43 30.42 17.04
C SER B 77 18.59 29.57 16.11
N GLY B 78 17.52 30.17 15.58
CA GLY B 78 16.61 29.45 14.68
C GLY B 78 17.28 29.07 13.36
N LEU B 79 18.16 29.95 12.89
CA LEU B 79 18.88 29.75 11.64
C LEU B 79 20.10 28.83 11.84
N SER B 80 20.64 28.79 13.06
CA SER B 80 21.92 28.10 13.31
C SER B 80 21.84 26.59 13.00
N ALA B 81 20.67 25.97 13.22
CA ALA B 81 20.56 24.54 12.93
C ALA B 81 20.74 24.24 11.43
N PHE B 82 20.52 25.24 10.56
CA PHE B 82 20.61 25.07 9.09
C PHE B 82 22.01 25.30 8.54
N SER B 83 22.93 25.77 9.38
CA SER B 83 24.31 25.90 8.95
C SER B 83 24.95 24.59 8.49
N SER B 84 25.79 24.65 7.44
CA SER B 84 26.51 23.47 6.99
C SER B 84 27.52 23.04 8.05
N LYS B 85 27.84 23.96 8.97
CA LYS B 85 28.72 23.64 10.11
C LYS B 85 27.95 22.95 11.28
N GLY B 86 26.62 22.86 11.16
CA GLY B 86 25.79 22.26 12.19
C GLY B 86 25.85 20.74 12.18
N ASN B 87 25.37 20.07 13.23
CA ASN B 87 25.52 18.61 13.35
C ASN B 87 24.18 17.94 13.07
N LYS B 88 24.22 16.62 13.06
CA LYS B 88 23.09 15.77 12.68
C LYS B 88 21.97 15.90 13.68
N GLU B 89 22.33 15.89 14.97
CA GLU B 89 21.33 15.99 16.01
C GLU B 89 20.54 17.30 15.98
N GLU B 90 21.19 18.45 15.75
CA GLU B 90 20.43 19.70 15.90
C GLU B 90 19.51 19.85 14.70
N LYS B 91 19.86 19.24 13.56
CA LYS B 91 18.96 19.28 12.41
C LYS B 91 17.74 18.37 12.65
N LEU B 92 17.94 17.22 13.30
CA LEU B 92 16.82 16.35 13.68
C LEU B 92 15.92 17.06 14.72
N ARG B 93 16.56 17.77 15.65
CA ARG B 93 15.79 18.51 16.66
C ARG B 93 14.94 19.59 16.00
N PHE B 94 15.48 20.28 15.01
CA PHE B 94 14.67 21.29 14.34
C PHE B 94 13.47 20.61 13.65
N ALA B 95 13.73 19.50 12.97
CA ALA B 95 12.63 18.79 12.28
C ALA B 95 11.58 18.32 13.29
N PHE B 96 12.02 17.80 14.44
CA PHE B 96 11.08 17.37 15.47
C PHE B 96 10.17 18.55 15.90
N LYS B 97 10.76 19.73 16.00
CA LYS B 97 10.02 20.91 16.48
C LYS B 97 8.95 21.37 15.49
N VAL B 98 9.08 21.02 14.24
CA VAL B 98 8.02 21.31 13.25
C VAL B 98 6.73 20.61 13.69
N TYR B 99 6.85 19.40 14.20
CA TYR B 99 5.67 18.65 14.60
C TYR B 99 5.22 18.96 16.04
N ASP B 100 6.14 19.31 16.92
CA ASP B 100 5.80 19.44 18.34
C ASP B 100 5.17 20.80 18.65
N ILE B 101 3.90 20.99 18.27
CA ILE B 101 3.31 22.33 18.39
C ILE B 101 3.42 22.90 19.82
N ASP B 102 3.16 22.11 20.86
CA ASP B 102 3.09 22.78 22.18
C ASP B 102 4.45 22.82 22.89
N ARG B 103 5.49 22.40 22.17
CA ARG B 103 6.88 22.52 22.61
CA ARG B 103 6.89 22.52 22.62
C ARG B 103 7.20 21.70 23.86
N ASP B 104 6.41 20.65 24.15
CA ASP B 104 6.64 19.91 25.40
C ASP B 104 7.63 18.76 25.26
N GLY B 105 8.19 18.60 24.07
CA GLY B 105 9.19 17.57 23.83
C GLY B 105 8.62 16.23 23.35
N PHE B 106 7.32 16.17 23.11
CA PHE B 106 6.66 14.95 22.58
C PHE B 106 5.73 15.32 21.45
N ILE B 107 5.68 14.53 20.38
CA ILE B 107 4.68 14.75 19.35
C ILE B 107 3.45 13.91 19.72
N SER B 108 2.31 14.56 19.92
CA SER B 108 1.06 13.82 20.15
C SER B 108 0.34 13.50 18.84
N ASN B 109 -0.69 12.68 18.96
CA ASN B 109 -1.46 12.21 17.81
C ASN B 109 -2.05 13.42 17.06
N GLY B 110 -2.66 14.31 17.82
CA GLY B 110 -3.30 15.47 17.26
C GLY B 110 -2.33 16.47 16.65
N GLU B 111 -1.17 16.67 17.29
CA GLU B 111 -0.15 17.57 16.72
C GLU B 111 0.31 17.08 15.36
N LEU B 112 0.51 15.78 15.24
CA LEU B 112 1.04 15.18 14.03
C LEU B 112 -0.04 15.31 12.92
N PHE B 113 -1.29 14.99 13.25
CA PHE B 113 -2.41 15.22 12.30
C PHE B 113 -2.44 16.70 11.83
N ILE B 114 -2.41 17.63 12.77
CA ILE B 114 -2.58 19.03 12.41
C ILE B 114 -1.46 19.52 11.47
N VAL B 115 -0.21 19.19 11.82
CA VAL B 115 0.91 19.66 11.04
C VAL B 115 0.89 18.97 9.65
N LEU B 116 0.59 17.68 9.59
CA LEU B 116 0.56 17.04 8.28
C LEU B 116 -0.60 17.65 7.40
N LYS B 117 -1.75 17.91 8.02
CA LYS B 117 -2.90 18.46 7.30
C LYS B 117 -2.55 19.84 6.71
N MET B 118 -1.74 20.64 7.40
CA MET B 118 -1.25 21.88 6.82
C MET B 118 -0.65 21.69 5.44
N MET B 119 0.08 20.60 5.27
CA MET B 119 0.76 20.35 4.02
C MET B 119 -0.03 19.56 3.02
N VAL B 120 -0.97 18.72 3.48
CA VAL B 120 -1.62 17.82 2.49
C VAL B 120 -3.00 18.30 2.04
N GLY B 121 -3.61 19.17 2.84
CA GLY B 121 -4.91 19.73 2.47
C GLY B 121 -5.90 18.61 2.19
N SER B 122 -6.63 18.70 1.08
CA SER B 122 -7.67 17.71 0.81
C SER B 122 -7.12 16.54 -0.02
N ASN B 123 -5.78 16.41 -0.15
CA ASN B 123 -5.22 15.21 -0.78
C ASN B 123 -5.48 13.94 0.02
N LEU B 124 -5.73 14.07 1.31
CA LEU B 124 -6.19 12.92 2.08
C LEU B 124 -7.46 13.32 2.77
N LYS B 125 -8.40 12.39 2.84
CA LYS B 125 -9.59 12.62 3.65
C LYS B 125 -9.13 12.59 5.10
N ASP B 126 -9.84 13.30 5.98
CA ASP B 126 -9.50 13.29 7.40
C ASP B 126 -9.38 11.87 7.91
N MET B 127 -10.34 10.98 7.57
CA MET B 127 -10.19 9.61 8.08
C MET B 127 -8.90 8.92 7.62
N GLN B 128 -8.53 9.15 6.37
CA GLN B 128 -7.28 8.53 5.86
C GLN B 128 -6.04 9.02 6.59
N LEU B 129 -5.99 10.33 6.77
CA LEU B 129 -4.84 10.95 7.47
C LEU B 129 -4.79 10.44 8.92
N GLN B 130 -5.96 10.37 9.57
CA GLN B 130 -5.99 9.94 10.96
C GLN B 130 -5.46 8.48 11.05
N GLN B 131 -5.85 7.62 10.08
CA GLN B 131 -5.43 6.25 10.09
C GLN B 131 -3.93 6.12 9.95
N ILE B 132 -3.33 6.83 9.02
CA ILE B 132 -1.88 6.67 8.92
C ILE B 132 -1.11 7.36 10.07
N VAL B 133 -1.66 8.41 10.64
CA VAL B 133 -1.09 9.00 11.89
C VAL B 133 -1.14 7.95 12.98
N ASP B 134 -2.33 7.36 13.18
CA ASP B 134 -2.48 6.33 14.23
C ASP B 134 -1.43 5.19 14.05
N LYS B 135 -1.25 4.72 12.83
CA LYS B 135 -0.35 3.57 12.66
C LYS B 135 1.13 4.00 12.82
N THR B 136 1.45 5.25 12.43
CA THR B 136 2.81 5.72 12.65
C THR B 136 3.07 5.77 14.15
N ILE B 137 2.13 6.31 14.91
CA ILE B 137 2.35 6.32 16.36
C ILE B 137 2.47 4.94 16.95
N MET B 138 1.60 4.03 16.54
CA MET B 138 1.64 2.63 16.97
C MET B 138 3.05 2.04 16.75
N GLU B 139 3.63 2.30 15.59
CA GLU B 139 4.97 1.80 15.25
C GLU B 139 6.16 2.52 15.91
N ALA B 140 6.02 3.82 16.13
CA ALA B 140 7.10 4.63 16.71
C ALA B 140 7.12 4.65 18.23
N ASP B 141 5.95 4.40 18.82
CA ASP B 141 5.78 4.64 20.27
C ASP B 141 6.36 3.48 21.08
N LEU B 142 7.66 3.40 21.21
CA LEU B 142 8.27 2.24 21.86
C LEU B 142 7.97 2.13 23.36
N ASP B 143 7.79 3.23 24.08
CA ASP B 143 7.52 3.05 25.52
C ASP B 143 6.04 3.02 25.83
N GLY B 144 5.19 3.11 24.83
CA GLY B 144 3.75 2.96 25.03
C GLY B 144 2.99 4.09 25.70
N ASP B 145 3.49 5.32 25.65
CA ASP B 145 2.76 6.42 26.29
C ASP B 145 1.81 7.17 25.31
N GLY B 146 1.68 6.66 24.08
CA GLY B 146 0.75 7.28 23.15
C GLY B 146 1.30 8.49 22.42
N ARG B 147 2.56 8.79 22.65
CA ARG B 147 3.17 9.95 22.02
C ARG B 147 4.62 9.67 21.64
N ILE B 148 5.18 10.56 20.84
CA ILE B 148 6.46 10.31 20.22
C ILE B 148 7.57 11.20 20.80
N SER B 149 8.52 10.61 21.51
CA SER B 149 9.65 11.35 22.08
C SER B 149 10.67 11.69 20.98
N PHE B 150 11.62 12.56 21.31
CA PHE B 150 12.68 12.85 20.32
C PHE B 150 13.47 11.58 19.91
N GLU B 151 13.75 10.70 20.88
CA GLU B 151 14.48 9.46 20.61
CA GLU B 151 14.46 9.44 20.63
C GLU B 151 13.65 8.53 19.72
N GLU B 152 12.34 8.48 19.97
CA GLU B 152 11.49 7.63 19.15
C GLU B 152 11.40 8.15 17.70
N PHE B 153 11.39 9.47 17.57
CA PHE B 153 11.37 10.13 16.27
C PHE B 153 12.65 9.84 15.51
N THR B 154 13.78 10.01 16.16
CA THR B 154 15.10 9.77 15.57
CA THR B 154 15.04 9.81 15.45
C THR B 154 15.20 8.37 14.95
N ARG B 155 14.78 7.39 15.74
CA ARG B 155 14.72 6.00 15.28
C ARG B 155 13.89 5.81 14.01
N MET B 156 12.73 6.47 13.90
CA MET B 156 11.87 6.26 12.71
C MET B 156 12.49 6.80 11.43
N VAL B 157 13.30 7.85 11.56
CA VAL B 157 13.78 8.52 10.37
C VAL B 157 15.26 8.30 10.10
N GLU B 158 15.83 7.24 10.70
CA GLU B 158 17.19 6.84 10.45
C GLU B 158 17.61 6.79 8.97
N ASN B 159 16.69 6.38 8.09
CA ASN B 159 17.04 6.21 6.67
C ASN B 159 16.73 7.43 5.80
N THR B 160 16.29 8.51 6.42
CA THR B 160 16.06 9.77 5.74
C THR B 160 17.25 10.68 6.04
N ASP B 161 17.83 11.28 5.01
CA ASP B 161 18.90 12.28 5.18
C ASP B 161 18.27 13.63 5.64
N VAL B 162 17.96 13.69 6.93
CA VAL B 162 17.33 14.90 7.48
C VAL B 162 18.33 16.03 7.43
N SER B 163 19.62 15.70 7.56
CA SER B 163 20.66 16.74 7.50
C SER B 163 20.66 17.45 6.14
N MET B 164 20.55 16.67 5.07
CA MET B 164 20.47 17.30 3.76
C MET B 164 19.25 18.22 3.64
N SER B 165 18.10 17.77 4.13
CA SER B 165 16.88 18.59 4.06
C SER B 165 17.05 19.88 4.86
N MET B 166 17.75 19.79 5.98
CA MET B 166 17.80 20.89 6.92
C MET B 166 19.10 21.64 6.86
N THR B 167 19.54 21.95 5.66
CA THR B 167 20.74 22.76 5.48
C THR B 167 20.56 23.82 4.41
N LEU B 168 21.11 25.01 4.65
CA LEU B 168 21.22 26.04 3.63
C LEU B 168 22.67 26.25 3.22
N ASP B 169 22.91 26.19 1.91
CA ASP B 169 24.24 26.34 1.32
C ASP B 169 24.88 27.71 1.63
N GLN B 170 24.10 28.78 1.51
CA GLN B 170 24.67 30.12 1.67
C GLN B 170 23.92 31.00 2.68
N PHE B 171 24.69 31.66 3.56
CA PHE B 171 24.17 32.58 4.59
C PHE B 171 24.70 34.03 4.46
N GLY C 12 14.47 15.35 -20.47
CA GLY C 12 14.03 15.02 -19.12
C GLY C 12 12.66 14.36 -19.02
N VAL C 13 11.64 14.95 -19.64
CA VAL C 13 10.31 14.34 -19.61
C VAL C 13 9.70 14.25 -21.03
N THR C 14 9.06 13.12 -21.32
CA THR C 14 8.26 13.01 -22.54
C THR C 14 6.79 12.74 -22.19
N LYS C 15 5.89 13.28 -23.01
CA LYS C 15 4.45 13.14 -22.78
C LYS C 15 3.74 12.51 -23.98
N LYS C 16 3.37 11.23 -23.88
CA LYS C 16 2.61 10.56 -24.93
C LYS C 16 1.11 10.65 -24.65
N ILE C 17 0.37 11.28 -25.57
CA ILE C 17 -1.07 11.50 -25.35
C ILE C 17 -1.89 10.24 -25.62
N LEU C 18 -2.76 9.87 -24.68
CA LEU C 18 -3.68 8.73 -24.83
C LEU C 18 -5.10 9.20 -25.20
N LYS C 19 -5.56 10.29 -24.62
CA LYS C 19 -6.83 10.90 -25.00
C LYS C 19 -6.63 12.42 -24.91
N GLU C 20 -6.97 13.11 -26.00
CA GLU C 20 -6.76 14.55 -26.00
C GLU C 20 -7.76 15.14 -25.04
N GLY C 21 -7.40 16.27 -24.44
CA GLY C 21 -8.33 17.06 -23.66
C GLY C 21 -9.09 18.01 -24.58
N ASN C 22 -9.63 19.08 -24.00
CA ASN C 22 -10.52 19.95 -24.75
C ASN C 22 -9.73 20.93 -25.64
N GLY C 23 -8.39 20.88 -25.57
CA GLY C 23 -7.55 21.60 -26.51
C GLY C 23 -7.59 23.09 -26.36
N VAL C 24 -8.22 23.55 -25.27
CA VAL C 24 -8.36 24.99 -25.01
C VAL C 24 -7.91 25.43 -23.59
N ASP C 25 -8.32 24.70 -22.56
CA ASP C 25 -7.98 25.11 -21.19
C ASP C 25 -6.71 24.39 -20.80
N LYS C 26 -5.64 25.18 -20.60
CA LYS C 26 -4.33 24.62 -20.23
C LYS C 26 -3.82 25.30 -18.95
N PRO C 27 -3.24 24.48 -18.05
CA PRO C 27 -2.73 25.06 -16.81
C PRO C 27 -1.60 26.04 -17.11
N VAL C 28 -1.51 27.11 -16.33
CA VAL C 28 -0.36 28.00 -16.37
C VAL C 28 0.22 28.10 -14.98
N LYS C 29 1.45 28.62 -14.87
CA LYS C 29 2.12 28.75 -13.58
C LYS C 29 1.20 29.37 -12.52
N GLY C 30 1.14 28.76 -11.34
CA GLY C 30 0.30 29.26 -10.26
C GLY C 30 -1.12 28.71 -10.18
N ASP C 31 -1.60 28.11 -11.25
CA ASP C 31 -2.90 27.41 -11.20
C ASP C 31 -2.93 26.22 -10.23
N ASP C 32 -4.08 25.99 -9.60
CA ASP C 32 -4.37 24.72 -8.95
C ASP C 32 -4.77 23.73 -10.01
N ILE C 33 -4.18 22.54 -9.97
CA ILE C 33 -4.60 21.51 -10.90
C ILE C 33 -5.15 20.34 -10.06
N VAL C 34 -5.95 19.50 -10.74
CA VAL C 34 -6.52 18.30 -10.12
C VAL C 34 -6.24 17.15 -11.08
N MET C 35 -5.62 16.09 -10.58
CA MET C 35 -5.08 15.02 -11.43
C MET C 35 -5.38 13.63 -10.85
N ASN C 36 -5.79 12.68 -11.71
CA ASN C 36 -5.70 11.26 -11.35
C ASN C 36 -4.37 10.76 -11.91
N TYR C 37 -3.72 9.85 -11.19
CA TYR C 37 -2.52 9.26 -11.73
C TYR C 37 -2.26 7.88 -11.16
N ARG C 38 -1.42 7.19 -11.90
CA ARG C 38 -0.82 5.90 -11.48
C ARG C 38 0.67 6.11 -11.75
N GLY C 39 1.52 5.84 -10.77
CA GLY C 39 2.93 6.02 -11.00
C GLY C 39 3.64 4.70 -10.83
N CYS C 40 4.47 4.40 -11.80
CA CYS C 40 5.14 3.11 -11.84
C CYS C 40 6.64 3.30 -12.04
N LEU C 41 7.41 2.33 -11.59
CA LEU C 41 8.83 2.32 -11.97
C LEU C 41 9.01 1.90 -13.43
N TYR C 42 9.97 2.52 -14.11
CA TYR C 42 10.27 2.17 -15.51
C TYR C 42 10.76 0.74 -15.59
N ASP C 43 10.23 0.02 -16.58
CA ASP C 43 10.63 -1.36 -16.87
C ASP C 43 10.79 -1.52 -18.38
N SER C 44 12.04 -1.66 -18.81
CA SER C 44 12.33 -1.77 -20.25
C SER C 44 11.75 -3.05 -20.91
N SER C 45 11.50 -4.10 -20.13
CA SER C 45 10.98 -5.35 -20.68
C SER C 45 9.48 -5.25 -21.03
N LYS C 46 8.87 -4.08 -20.80
CA LYS C 46 7.42 -3.93 -20.97
C LYS C 46 6.98 -2.82 -21.94
N PRO C 47 7.53 -2.80 -23.17
CA PRO C 47 6.82 -1.92 -24.11
C PRO C 47 5.43 -2.51 -24.29
N SER C 48 4.42 -1.70 -24.56
CA SER C 48 3.02 -2.10 -24.73
C SER C 48 2.29 -1.99 -23.40
N GLU C 49 3.05 -1.87 -22.32
CA GLU C 49 2.51 -1.41 -21.05
C GLU C 49 3.10 -0.03 -20.80
N HIS C 50 3.66 0.56 -21.85
CA HIS C 50 4.33 1.87 -21.77
C HIS C 50 5.53 1.84 -20.82
N PHE C 51 6.21 0.71 -20.76
CA PHE C 51 7.35 0.50 -19.89
C PHE C 51 6.99 0.73 -18.40
N MET C 52 5.72 0.53 -18.06
CA MET C 52 5.31 0.68 -16.66
C MET C 52 5.50 -0.65 -15.94
N GLY C 53 6.42 -0.68 -14.98
CA GLY C 53 6.63 -1.83 -14.13
C GLY C 53 5.79 -1.71 -12.86
N ARG C 54 6.41 -1.96 -11.72
CA ARG C 54 5.68 -2.01 -10.45
C ARG C 54 5.11 -0.64 -10.09
N LYS C 55 3.83 -0.62 -9.72
CA LYS C 55 3.17 0.60 -9.29
C LYS C 55 3.73 1.05 -7.93
N PHE C 56 4.05 2.33 -7.77
CA PHE C 56 4.46 2.76 -6.42
C PHE C 56 3.37 3.64 -5.77
N ASP C 57 2.41 4.14 -6.57
CA ASP C 57 1.34 4.98 -6.02
C ASP C 57 0.28 5.21 -7.07
N SER C 58 -0.90 5.56 -6.61
CA SER C 58 -1.93 5.99 -7.53
C SER C 58 -3.05 6.69 -6.77
N THR C 59 -3.86 7.45 -7.47
CA THR C 59 -4.94 8.16 -6.82
C THR C 59 -6.16 7.23 -6.59
N GLU C 60 -6.17 6.04 -7.22
CA GLU C 60 -7.34 5.15 -7.20
C GLU C 60 -7.64 4.73 -5.78
N GLU C 61 -6.59 4.67 -4.98
CA GLU C 61 -6.61 4.07 -3.65
C GLU C 61 -6.70 5.11 -2.58
N ARG C 62 -6.77 6.39 -2.98
CA ARG C 62 -6.69 7.49 -2.00
C ARG C 62 -7.69 8.61 -2.33
N GLY C 63 -7.60 9.22 -3.50
CA GLY C 63 -8.52 10.27 -3.91
C GLY C 63 -7.74 11.16 -4.88
N GLU C 64 -8.41 12.04 -5.61
CA GLU C 64 -7.75 12.87 -6.62
CA GLU C 64 -7.76 12.89 -6.62
C GLU C 64 -6.61 13.69 -6.02
N PHE C 65 -5.59 13.96 -6.86
CA PHE C 65 -4.40 14.71 -6.44
C PHE C 65 -4.48 16.23 -6.77
N LYS C 66 -4.15 17.06 -5.79
CA LYS C 66 -4.25 18.52 -5.94
C LYS C 66 -2.92 19.19 -5.64
N THR C 67 -2.52 20.12 -6.49
CA THR C 67 -1.31 20.90 -6.21
C THR C 67 -1.36 22.18 -7.03
N LYS C 68 -0.62 23.21 -6.58
CA LYS C 68 -0.29 24.33 -7.47
C LYS C 68 0.73 23.80 -8.45
N ILE C 69 0.64 24.27 -9.69
CA ILE C 69 1.52 23.80 -10.76
C ILE C 69 2.47 24.91 -11.22
N GLY C 70 3.63 24.53 -11.77
CA GLY C 70 4.57 25.48 -12.34
C GLY C 70 5.36 26.31 -11.32
N ILE C 71 5.23 26.04 -10.02
CA ILE C 71 5.95 26.87 -9.03
C ILE C 71 6.97 26.04 -8.29
N GLY C 72 7.28 24.87 -8.83
CA GLY C 72 8.35 24.04 -8.30
C GLY C 72 8.06 23.20 -7.05
N VAL C 73 6.79 22.98 -6.70
CA VAL C 73 6.53 22.18 -5.47
C VAL C 73 6.27 20.69 -5.78
N VAL C 74 6.23 20.36 -7.06
CA VAL C 74 6.26 18.95 -7.50
C VAL C 74 7.53 18.74 -8.36
N ILE C 75 7.79 17.49 -8.70
CA ILE C 75 9.00 17.17 -9.47
C ILE C 75 9.00 17.85 -10.85
N ARG C 76 10.19 18.10 -11.36
CA ARG C 76 10.33 18.96 -12.53
C ARG C 76 9.54 18.42 -13.73
N GLY C 77 9.60 17.11 -13.92
CA GLY C 77 8.90 16.51 -15.04
C GLY C 77 7.41 16.77 -15.01
N TRP C 78 6.80 16.78 -13.82
CA TRP C 78 5.38 17.15 -13.76
C TRP C 78 5.17 18.65 -14.02
N ASP C 79 5.94 19.48 -13.30
CA ASP C 79 5.89 20.92 -13.44
C ASP C 79 6.07 21.42 -14.87
N GLU C 80 6.80 20.69 -15.71
CA GLU C 80 6.88 21.13 -17.10
C GLU C 80 5.79 20.50 -17.98
N ALA C 81 5.55 19.20 -17.81
CA ALA C 81 4.63 18.49 -18.72
C ALA C 81 3.17 18.93 -18.52
N VAL C 82 2.80 19.23 -17.28
CA VAL C 82 1.40 19.53 -16.99
C VAL C 82 1.02 20.85 -17.67
N LEU C 83 1.95 21.80 -17.76
CA LEU C 83 1.68 23.07 -18.45
C LEU C 83 1.38 22.84 -19.91
N GLN C 84 1.76 21.67 -20.44
CA GLN C 84 1.50 21.33 -21.84
C GLN C 84 0.29 20.39 -22.03
N MET C 85 -0.52 20.21 -21.00
CA MET C 85 -1.78 19.43 -21.12
C MET C 85 -2.99 20.35 -21.31
N SER C 86 -4.09 19.84 -21.89
CA SER C 86 -5.40 20.52 -21.78
C SER C 86 -6.38 19.74 -20.89
N LEU C 87 -7.40 20.43 -20.35
CA LEU C 87 -8.38 19.85 -19.42
C LEU C 87 -9.00 18.58 -19.97
N GLY C 88 -8.98 17.49 -19.20
CA GLY C 88 -9.46 16.23 -19.70
C GLY C 88 -8.46 15.31 -20.36
N GLU C 89 -7.27 15.81 -20.65
CA GLU C 89 -6.26 14.98 -21.31
C GLU C 89 -5.81 13.79 -20.47
N LYS C 90 -5.64 12.63 -21.09
CA LYS C 90 -5.03 11.48 -20.42
C LYS C 90 -3.73 11.15 -21.17
N SER C 91 -2.62 11.06 -20.44
CA SER C 91 -1.29 10.88 -21.06
C SER C 91 -0.32 10.01 -20.28
N ILE C 92 0.76 9.58 -20.93
CA ILE C 92 1.87 8.96 -20.20
C ILE C 92 3.03 9.94 -20.09
N LEU C 93 3.54 10.14 -18.87
CA LEU C 93 4.74 10.94 -18.66
C LEU C 93 5.88 9.99 -18.31
N THR C 94 6.96 10.06 -19.09
CA THR C 94 8.15 9.31 -18.78
C THR C 94 9.19 10.32 -18.31
N ILE C 95 9.65 10.16 -17.06
CA ILE C 95 10.49 11.15 -16.39
C ILE C 95 11.81 10.55 -15.92
N THR C 96 12.92 11.02 -16.49
CA THR C 96 14.22 10.54 -16.01
C THR C 96 14.55 11.05 -14.63
N ASP C 97 15.52 10.40 -13.98
CA ASP C 97 15.69 10.63 -12.56
C ASP C 97 16.03 12.09 -12.26
N ASP C 98 16.77 12.77 -13.14
CA ASP C 98 17.14 14.14 -12.82
C ASP C 98 15.92 15.10 -12.93
N TYR C 99 14.82 14.64 -13.53
CA TYR C 99 13.57 15.42 -13.51
C TYR C 99 12.57 14.84 -12.49
N ALA C 100 13.04 13.89 -11.68
CA ALA C 100 12.23 13.31 -10.62
C ALA C 100 13.02 13.37 -9.31
N TYR C 101 13.37 12.20 -8.73
CA TYR C 101 14.01 12.18 -7.40
C TYR C 101 15.51 11.92 -7.40
N GLY C 102 16.13 11.90 -8.57
CA GLY C 102 17.59 11.99 -8.65
C GLY C 102 18.33 10.90 -7.89
N ALA C 103 19.55 11.21 -7.43
CA ALA C 103 20.39 10.27 -6.66
C ALA C 103 19.74 9.89 -5.35
N ARG C 104 19.06 10.85 -4.74
CA ARG C 104 18.57 10.65 -3.40
C ARG C 104 17.41 9.64 -3.43
N GLY C 105 16.64 9.62 -4.52
CA GLY C 105 15.41 8.83 -4.56
C GLY C 105 14.42 9.29 -3.49
N PHE C 106 13.52 8.39 -3.14
CA PHE C 106 12.60 8.64 -2.01
C PHE C 106 12.63 7.42 -1.10
N PRO C 107 13.22 7.54 0.11
CA PRO C 107 13.49 6.40 1.00
C PRO C 107 12.30 5.45 1.14
N GLY C 108 12.48 4.17 0.86
CA GLY C 108 11.41 3.20 1.07
C GLY C 108 10.46 3.05 -0.11
N LEU C 109 10.63 3.87 -1.16
CA LEU C 109 9.61 3.92 -2.19
C LEU C 109 10.20 4.08 -3.60
N ILE C 110 11.10 5.05 -3.79
CA ILE C 110 11.73 5.29 -5.08
C ILE C 110 13.23 5.09 -4.97
N PRO C 111 13.77 4.08 -5.67
CA PRO C 111 15.22 3.88 -5.62
C PRO C 111 16.03 5.07 -6.20
N PRO C 112 17.31 5.19 -5.78
CA PRO C 112 18.27 6.08 -6.46
C PRO C 112 18.23 5.96 -7.98
N HIS C 113 18.30 7.11 -8.67
CA HIS C 113 18.37 7.17 -10.15
C HIS C 113 17.26 6.44 -10.91
N ALA C 114 16.05 6.47 -10.35
CA ALA C 114 14.90 5.85 -11.00
C ALA C 114 14.23 6.70 -12.09
N THR C 115 13.97 6.10 -13.26
CA THR C 115 13.07 6.67 -14.26
C THR C 115 11.65 6.30 -13.84
N LEU C 116 10.76 7.30 -13.79
CA LEU C 116 9.36 7.08 -13.44
C LEU C 116 8.45 7.11 -14.68
N VAL C 117 7.39 6.29 -14.68
CA VAL C 117 6.36 6.42 -15.68
C VAL C 117 5.00 6.66 -15.02
N PHE C 118 4.39 7.78 -15.32
CA PHE C 118 3.06 8.09 -14.83
C PHE C 118 2.00 8.01 -15.92
N GLU C 119 0.88 7.35 -15.65
CA GLU C 119 -0.31 7.63 -16.43
C GLU C 119 -1.07 8.75 -15.72
N VAL C 120 -1.37 9.85 -16.43
CA VAL C 120 -2.02 10.97 -15.78
C VAL C 120 -3.31 11.38 -16.51
N GLU C 121 -4.27 11.93 -15.76
CA GLU C 121 -5.47 12.48 -16.36
C GLU C 121 -5.74 13.81 -15.70
N LEU C 122 -5.78 14.88 -16.50
CA LEU C 122 -6.02 16.22 -15.97
C LEU C 122 -7.52 16.46 -15.77
N LYS C 123 -7.99 16.33 -14.53
CA LYS C 123 -9.41 16.39 -14.20
C LYS C 123 -9.90 17.81 -13.91
N GLY C 124 -9.00 18.70 -13.50
CA GLY C 124 -9.42 20.03 -13.09
C GLY C 124 -8.31 21.07 -13.18
N ILE C 125 -8.69 22.33 -13.46
CA ILE C 125 -7.77 23.48 -13.46
C ILE C 125 -8.55 24.60 -12.74
N ASN C 126 -8.08 25.04 -11.58
CA ASN C 126 -8.82 26.00 -10.78
C ASN C 126 -10.28 25.51 -10.57
N SER C 127 -11.29 26.25 -11.04
CA SER C 127 -12.69 25.85 -10.86
C SER C 127 -13.22 24.91 -11.96
N LYS C 128 -12.45 24.72 -13.02
CA LYS C 128 -12.94 23.99 -14.18
C LYS C 128 -12.73 22.49 -13.96
N ARG C 129 -13.68 21.71 -14.45
CA ARG C 129 -13.64 20.25 -14.33
C ARG C 129 -13.84 19.62 -15.71
N ALA C 130 -13.09 18.58 -16.01
CA ALA C 130 -13.20 17.88 -17.29
C ALA C 130 -14.58 17.18 -17.40
ZN ZN D . -3.84 -16.12 -9.76
FE FE E . -5.09 -13.47 -8.49
N4 MES F . -5.67 -11.53 -11.65
C7 MES F . -4.89 -12.66 -12.17
C8 MES F . -3.41 -12.54 -12.04
S MES F . -2.59 -13.01 -10.70
O1S MES F . -3.49 -12.63 -9.56
O2S MES F . -1.38 -12.11 -10.67
O3S MES F . -2.28 -14.42 -10.70
O1 MES G . -4.81 -1.26 -1.41
C2 MES G . -3.59 -0.66 -0.93
C3 MES G . -2.40 -0.62 -1.89
N4 MES G . -2.55 -1.41 -3.13
C5 MES G . -3.86 -1.88 -3.58
C6 MES G . -4.97 -1.15 -2.82
C7 MES G . -1.32 -1.96 -3.76
C8 MES G . -1.43 -2.01 -5.28
S MES G . -0.07 -2.73 -6.02
O1S MES G . -0.24 -2.66 -7.48
O2S MES G . 1.15 -2.03 -5.60
O3S MES G . 0.01 -4.12 -5.55
C1 EDO H . 3.29 -17.95 21.51
O1 EDO H . 2.04 -17.98 22.21
C2 EDO H . 4.39 -18.08 22.58
O2 EDO H . 4.70 -16.83 23.28
C1 EDO I . -23.74 -23.09 2.68
O1 EDO I . -23.91 -23.85 3.89
C2 EDO I . -22.89 -23.87 1.65
O2 EDO I . -21.59 -24.20 2.18
C1 EDO J . -27.45 -20.55 -0.01
O1 EDO J . -26.68 -21.24 0.98
C2 EDO J . -28.13 -19.42 0.79
O2 EDO J . -27.14 -18.40 1.08
C1 EDO K . 4.73 -7.78 15.31
O1 EDO K . 4.56 -7.49 16.72
C2 EDO K . 6.21 -7.61 14.96
O2 EDO K . 6.96 -8.74 15.44
C1 EDO L . -10.16 -34.00 2.63
O1 EDO L . -11.39 -34.77 2.62
C2 EDO L . -8.89 -34.67 2.10
O2 EDO L . -8.99 -35.23 0.76
C1 EDO M . -12.58 -19.33 20.81
O1 EDO M . -12.26 -19.58 19.44
C2 EDO M . -13.85 -18.72 20.38
O2 EDO M . -13.64 -17.75 19.33
CA CA N . 9.52 45.02 14.25
CA CA O . 10.44 35.64 21.50
CA CA P . 3.79 18.19 22.02
CA CA Q . 6.41 7.23 23.43
C1 EDO R . 35.41 35.59 13.12
O1 EDO R . 34.29 35.01 13.82
C2 EDO R . 35.35 35.43 11.59
O2 EDO R . 34.34 36.25 10.95
C1 EDO S . 13.57 18.20 20.53
O1 EDO S . 14.66 19.11 20.69
C2 EDO S . 12.87 18.00 21.85
O2 EDO S . 12.10 19.20 22.06
C1 FK5 T . 5.48 14.65 -6.60
C2 FK5 T . 5.10 13.63 -7.64
C3 FK5 T . 4.30 14.25 -8.81
C4 FK5 T . 2.88 14.67 -8.42
C5 FK5 T . 2.09 13.50 -7.76
C6 FK5 T . 2.91 12.90 -6.59
C8 FK5 T . 4.81 11.38 -6.89
C9 FK5 T . 4.18 10.30 -6.25
C10 FK5 T . 4.41 9.96 -4.75
C11 FK5 T . 5.79 10.38 -4.24
C12 FK5 T . 5.79 10.47 -2.69
C13 FK5 T . 4.60 11.30 -2.22
C14 FK5 T . 3.33 10.57 -2.69
C15 FK5 T . 2.02 11.23 -2.28
C16 FK5 T . 2.07 12.81 -2.47
C17 FK5 T . 0.75 13.55 -2.30
C18 FK5 T . 0.48 13.79 -0.82
C19 FK5 T . 1.21 15.03 -0.30
C20 FK5 T . 2.53 14.82 0.35
C21 FK5 T . 3.37 15.97 0.85
C22 FK5 T . 4.30 16.31 -0.24
C23 FK5 T . 3.84 17.25 -1.36
C24 FK5 T . 4.75 17.19 -2.58
C25 FK5 T . 4.47 15.96 -3.49
C26 FK5 T . 5.51 15.71 -4.55
C27 FK5 T . 6.86 15.39 -3.90
C28 FK5 T . 7.88 16.38 -4.08
C29 FK5 T . 9.26 16.29 -3.44
C30 FK5 T . 10.28 16.67 -4.53
C31 FK5 T . 11.74 16.62 -3.98
C32 FK5 T . 11.80 17.59 -2.79
C33 FK5 T . 10.84 17.14 -1.70
C34 FK5 T . 9.35 17.19 -2.20
C35 FK5 T . 6.90 9.45 -4.74
C36 FK5 T . -0.47 12.72 -2.84
C37 FK5 T . 0.58 16.41 -0.51
C38 FK5 T . 4.20 15.53 2.07
C39 FK5 T . 3.24 15.24 3.16
C40 FK5 T . 3.10 15.98 4.44
C41 FK5 T . 3.09 16.15 -4.21
C42 FK5 T . 7.01 14.12 -3.08
C43 FK5 T . 5.52 12.43 -0.29
C44 FK5 T . 1.02 9.53 -0.88
C45 FK5 T . 13.05 16.05 -5.88
N7 FK5 T . 4.29 12.58 -7.01
O1 FK5 T . 5.11 14.62 -5.38
O2 FK5 T . 6.20 15.71 -7.05
O3 FK5 T . 6.04 11.13 -7.37
O4 FK5 T . 3.27 9.57 -6.98
O5 FK5 T . 3.33 10.65 -4.11
O6 FK5 T . 4.22 8.51 -4.58
O7 FK5 T . 4.62 11.41 -0.80
O8 FK5 T . 1.60 10.83 -1.00
O9 FK5 T . 5.53 15.74 -0.34
O10 FK5 T . 4.45 18.36 -3.38
O11 FK5 T . 12.69 17.06 -4.95
O12 FK5 T . 13.14 17.48 -2.35
C1 EDO U . 1.03 1.61 -3.28
O1 EDO U . -0.09 1.36 -2.43
C2 EDO U . 0.72 1.28 -4.74
O2 EDO U . -0.31 2.16 -5.22
C1 EDO V . -4.47 7.32 -14.30
O1 EDO V . -5.58 7.80 -15.08
C2 EDO V . -4.91 6.13 -13.46
O2 EDO V . -6.04 6.52 -12.68
C1 EDO W . 13.27 1.41 -1.44
O1 EDO W . 12.48 1.16 -2.60
C2 EDO W . 14.31 2.51 -1.73
O2 EDO W . 14.80 3.08 -0.51
#